data_3K49
#
_entry.id   3K49
#
_cell.length_a   151.126
_cell.length_b   87.071
_cell.length_c   125.176
_cell.angle_alpha   90.00
_cell.angle_beta   116.48
_cell.angle_gamma   90.00
#
_symmetry.space_group_name_H-M   'C 1 2 1'
#
loop_
_entity.id
_entity.type
_entity.pdbx_description
1 polymer 'mRNA-binding protein PUF3'
2 polymer "RNA (5'-R(*CP*CP*UP*GP*UP*AP*AP*AP*UP*A)-3')"
3 non-polymer 'CITRIC ACID'
4 water water
#
loop_
_entity_poly.entity_id
_entity_poly.type
_entity_poly.pdbx_seq_one_letter_code
_entity_poly.pdbx_strand_id
1 'polypeptide(L)'
;TYHRSPLLEQLRNSSSDKNSNSNMSLKDIFGHSLEFCKDQHGSRFIQRELATSPASEKEVIFNEIRDDAIELSNDVFGNY
VIQKFFEFGSKIQKNTLVDQFKGNMKQLSLQMYACRVIQKALEYIDSNQRIELVLELSDSVLQMIKDQNGNHVIQKAIET
IPIEKLPFILSSLTGHIYHLSTHSYGCRVIQRLLEFGSSEDQESILNELKDFIPYLIQDQYGNYVIQYVLQQDQFTNKEM
VDIKQEIIETVANNVVEYSKHKFASNVVEKSILYGSKNQKDLIISKILPRDKNHALNLEDDSPMILMIKDQFANYVIQKL
VNVSEGEGKKLIVIAIRAYLDKLNKSNSLGNRHLASVEKLAALVENAEV
;
A,C,E
2 'polyribonucleotide' CCUGUAAAUA B,D,F
#
loop_
_chem_comp.id
_chem_comp.type
_chem_comp.name
_chem_comp.formula
A RNA linking ADENOSINE-5'-MONOPHOSPHATE 'C10 H14 N5 O7 P'
C RNA linking CYTIDINE-5'-MONOPHOSPHATE 'C9 H14 N3 O8 P'
CIT non-polymer 'CITRIC ACID' 'C6 H8 O7'
G RNA linking GUANOSINE-5'-MONOPHOSPHATE 'C10 H14 N5 O8 P'
U RNA linking URIDINE-5'-MONOPHOSPHATE 'C9 H13 N2 O9 P'
#
# COMPACT_ATOMS: atom_id res chain seq x y z
N SER A 5 -17.70 -19.33 39.20
CA SER A 5 -17.89 -20.63 39.84
C SER A 5 -17.07 -20.78 41.12
N PRO A 6 -17.64 -21.48 42.11
CA PRO A 6 -17.12 -21.64 43.48
C PRO A 6 -15.68 -22.14 43.57
N LEU A 7 -15.34 -23.17 42.80
CA LEU A 7 -13.97 -23.70 42.78
C LEU A 7 -12.95 -22.64 42.35
N LEU A 8 -13.29 -21.89 41.32
CA LEU A 8 -12.44 -20.78 40.87
C LEU A 8 -12.24 -19.73 41.96
N GLU A 9 -13.30 -19.50 42.73
CA GLU A 9 -13.22 -18.57 43.85
C GLU A 9 -12.40 -19.14 44.99
N GLN A 10 -12.54 -20.44 45.23
CA GLN A 10 -11.76 -21.12 46.24
C GLN A 10 -10.28 -21.15 45.86
N LEU A 11 -10.01 -20.87 44.59
CA LEU A 11 -8.65 -20.84 44.09
C LEU A 11 -8.00 -19.48 44.35
N ARG A 12 -8.65 -18.43 43.89
CA ARG A 12 -8.09 -17.07 43.95
C ARG A 12 -8.01 -16.54 45.38
N ASN A 13 -9.13 -16.61 46.10
CA ASN A 13 -9.20 -16.09 47.46
C ASN A 13 -8.46 -16.97 48.47
N SER A 14 -7.53 -17.77 47.96
CA SER A 14 -6.75 -18.65 48.82
C SER A 14 -5.27 -18.60 48.46
N SER A 15 -4.98 -18.36 47.18
CA SER A 15 -3.60 -18.24 46.71
C SER A 15 -2.95 -16.97 47.26
N SER A 22 -2.18 -26.05 51.92
CA SER A 22 -3.63 -26.04 52.01
C SER A 22 -4.24 -25.61 50.68
N ASN A 23 -3.43 -25.65 49.64
CA ASN A 23 -3.88 -25.31 48.29
C ASN A 23 -4.65 -26.46 47.66
N MET A 24 -5.25 -26.20 46.49
CA MET A 24 -5.92 -27.23 45.74
C MET A 24 -4.92 -28.03 44.91
N SER A 25 -5.41 -29.12 44.35
CA SER A 25 -4.64 -29.87 43.36
C SER A 25 -5.59 -30.34 42.28
N LEU A 26 -5.03 -30.97 41.26
CA LEU A 26 -5.82 -31.36 40.09
C LEU A 26 -7.01 -32.27 40.41
N LYS A 27 -6.91 -33.01 41.51
CA LYS A 27 -7.97 -33.95 41.88
C LYS A 27 -9.19 -33.20 42.41
N ASP A 28 -8.99 -31.94 42.78
CA ASP A 28 -10.07 -31.14 43.35
C ASP A 28 -11.01 -30.55 42.30
N ILE A 29 -10.60 -30.59 41.03
CA ILE A 29 -11.34 -29.90 40.00
C ILE A 29 -11.94 -30.83 38.98
N PHE A 30 -12.03 -32.12 39.29
CA PHE A 30 -12.55 -33.09 38.33
C PHE A 30 -13.90 -32.71 37.74
N GLY A 31 -14.64 -31.86 38.41
CA GLY A 31 -15.87 -31.36 37.79
C GLY A 31 -15.66 -30.41 36.61
N HIS A 32 -14.66 -29.53 36.73
CA HIS A 32 -14.66 -28.27 36.01
C HIS A 32 -13.35 -27.92 35.32
N SER A 33 -12.75 -28.89 34.65
CA SER A 33 -11.45 -28.68 34.02
C SER A 33 -11.50 -27.68 32.86
N LEU A 34 -12.42 -27.89 31.92
CA LEU A 34 -12.58 -27.03 30.76
C LEU A 34 -12.77 -25.57 31.19
N GLU A 35 -13.55 -25.37 32.24
CA GLU A 35 -13.81 -24.04 32.75
C GLU A 35 -12.61 -23.49 33.53
N PHE A 36 -11.77 -24.38 34.02
CA PHE A 36 -10.50 -23.93 34.61
C PHE A 36 -9.50 -23.52 33.54
N CYS A 37 -9.52 -24.24 32.42
CA CYS A 37 -8.61 -23.98 31.32
C CYS A 37 -8.95 -22.67 30.60
N LYS A 38 -10.24 -22.32 30.52
CA LYS A 38 -10.61 -21.11 29.79
C LYS A 38 -10.50 -19.86 30.64
N ASP A 39 -10.08 -20.04 31.88
CA ASP A 39 -9.94 -18.94 32.82
C ASP A 39 -8.45 -18.66 33.00
N GLN A 40 -8.06 -17.39 33.06
CA GLN A 40 -6.63 -17.10 33.13
C GLN A 40 -5.95 -17.71 34.34
N HIS A 41 -6.54 -17.48 35.52
CA HIS A 41 -5.97 -17.97 36.77
C HIS A 41 -6.07 -19.49 36.88
N GLY A 42 -7.25 -20.03 36.60
CA GLY A 42 -7.41 -21.47 36.53
C GLY A 42 -6.34 -22.08 35.65
N SER A 43 -6.11 -21.48 34.48
CA SER A 43 -5.15 -22.00 33.50
C SER A 43 -3.71 -22.03 34.00
N ARG A 44 -3.23 -20.93 34.56
CA ARG A 44 -1.88 -20.89 35.10
C ARG A 44 -1.73 -21.94 36.21
N PHE A 45 -2.80 -22.13 36.99
CA PHE A 45 -2.83 -23.18 37.97
C PHE A 45 -2.59 -24.54 37.33
N ILE A 46 -3.37 -24.87 36.29
CA ILE A 46 -3.27 -26.20 35.69
C ILE A 46 -1.89 -26.40 35.07
N GLN A 47 -1.39 -25.34 34.44
CA GLN A 47 -0.07 -25.41 33.82
C GLN A 47 0.98 -25.81 34.84
N ARG A 48 0.87 -25.22 36.02
CA ARG A 48 1.82 -25.39 37.09
C ARG A 48 1.75 -26.83 37.65
N GLU A 49 0.53 -27.30 37.88
CA GLU A 49 0.33 -28.66 38.38
C GLU A 49 0.78 -29.72 37.38
N LEU A 50 0.62 -29.45 36.08
CA LEU A 50 0.95 -30.45 35.07
C LEU A 50 2.46 -30.73 35.01
N ALA A 51 3.26 -29.78 35.44
CA ALA A 51 4.69 -29.94 35.39
C ALA A 51 5.19 -30.86 36.51
N THR A 52 4.37 -31.04 37.55
CA THR A 52 4.84 -31.81 38.71
C THR A 52 3.90 -32.92 39.19
N SER A 53 2.75 -33.08 38.53
CA SER A 53 1.77 -34.09 38.94
C SER A 53 2.09 -35.48 38.41
N PRO A 54 1.80 -36.51 39.22
CA PRO A 54 1.98 -37.90 38.78
C PRO A 54 1.09 -38.23 37.58
N ALA A 55 1.43 -39.28 36.84
CA ALA A 55 0.65 -39.72 35.70
C ALA A 55 -0.87 -39.78 35.96
N SER A 56 -1.28 -40.27 37.12
CA SER A 56 -2.69 -40.45 37.41
C SER A 56 -3.49 -39.14 37.38
N GLU A 57 -2.90 -38.08 37.93
CA GLU A 57 -3.60 -36.81 37.95
C GLU A 57 -3.61 -36.18 36.55
N LYS A 58 -2.54 -36.40 35.80
CA LYS A 58 -2.50 -35.89 34.43
C LYS A 58 -3.55 -36.59 33.57
N GLU A 59 -3.66 -37.91 33.70
CA GLU A 59 -4.67 -38.67 32.97
C GLU A 59 -6.06 -38.14 33.23
N VAL A 60 -6.36 -37.85 34.48
CA VAL A 60 -7.71 -37.47 34.85
C VAL A 60 -8.11 -36.16 34.20
N ILE A 61 -7.19 -35.19 34.24
CA ILE A 61 -7.40 -33.92 33.54
C ILE A 61 -7.54 -34.14 32.04
N PHE A 62 -6.61 -34.90 31.46
CA PHE A 62 -6.61 -35.10 30.01
C PHE A 62 -7.86 -35.79 29.49
N ASN A 63 -8.24 -36.89 30.12
CA ASN A 63 -9.40 -37.66 29.65
C ASN A 63 -10.68 -36.84 29.78
N GLU A 64 -10.61 -35.81 30.59
CA GLU A 64 -11.74 -34.92 30.78
C GLU A 64 -11.82 -33.83 29.70
N ILE A 65 -10.68 -33.28 29.29
CA ILE A 65 -10.70 -32.15 28.37
C ILE A 65 -10.35 -32.54 26.94
N ARG A 66 -10.10 -33.82 26.69
CA ARG A 66 -9.54 -34.20 25.39
C ARG A 66 -10.49 -33.90 24.25
N ASP A 67 -11.78 -34.13 24.47
CA ASP A 67 -12.75 -33.90 23.41
C ASP A 67 -12.86 -32.42 23.03
N ASP A 68 -12.39 -31.54 23.92
CA ASP A 68 -12.42 -30.11 23.67
C ASP A 68 -11.02 -29.56 23.44
N ALA A 69 -10.11 -30.41 22.96
CA ALA A 69 -8.74 -30.01 22.71
C ALA A 69 -8.63 -28.93 21.61
N ILE A 70 -9.30 -29.13 20.49
CA ILE A 70 -9.32 -28.14 19.41
C ILE A 70 -9.77 -26.77 19.93
N GLU A 71 -10.90 -26.75 20.64
CA GLU A 71 -11.41 -25.50 21.21
C GLU A 71 -10.43 -24.83 22.16
N LEU A 72 -9.88 -25.60 23.10
CA LEU A 72 -8.84 -25.08 23.98
C LEU A 72 -7.64 -24.57 23.20
N SER A 73 -7.29 -25.28 22.14
CA SER A 73 -6.13 -24.86 21.34
C SER A 73 -6.35 -23.45 20.81
N ASN A 74 -7.61 -23.11 20.56
CA ASN A 74 -7.97 -21.80 20.03
C ASN A 74 -8.17 -20.73 21.11
N ASP A 75 -8.20 -21.16 22.37
CA ASP A 75 -8.54 -20.24 23.45
C ASP A 75 -7.34 -19.50 24.01
N VAL A 76 -7.54 -18.24 24.36
CA VAL A 76 -6.49 -17.35 24.84
C VAL A 76 -5.75 -17.88 26.06
N PHE A 77 -6.45 -18.61 26.91
CA PHE A 77 -5.83 -19.09 28.14
C PHE A 77 -5.68 -20.59 28.08
N GLY A 78 -6.55 -21.26 27.34
CA GLY A 78 -6.51 -22.70 27.26
C GLY A 78 -5.36 -23.23 26.42
N ASN A 79 -4.78 -22.39 25.58
CA ASN A 79 -3.85 -22.92 24.61
C ASN A 79 -2.58 -23.36 25.32
N TYR A 80 -2.25 -22.72 26.45
CA TYR A 80 -1.10 -23.15 27.26
C TYR A 80 -1.26 -24.55 27.88
N VAL A 81 -2.51 -24.91 28.22
CA VAL A 81 -2.76 -26.20 28.83
C VAL A 81 -2.59 -27.32 27.83
N ILE A 82 -3.01 -27.07 26.59
CA ILE A 82 -2.75 -28.02 25.52
C ILE A 82 -1.24 -28.19 25.27
N GLN A 83 -0.51 -27.08 25.25
CA GLN A 83 0.94 -27.12 25.09
C GLN A 83 1.61 -27.95 26.18
N LYS A 84 1.13 -27.82 27.42
CA LYS A 84 1.74 -28.55 28.52
C LYS A 84 1.54 -30.04 28.35
N PHE A 85 0.47 -30.44 27.67
CA PHE A 85 0.32 -31.86 27.41
C PHE A 85 1.33 -32.39 26.38
N PHE A 86 1.82 -31.53 25.49
CA PHE A 86 2.90 -31.96 24.58
C PHE A 86 4.24 -32.01 25.33
N GLU A 87 4.43 -31.09 26.25
CA GLU A 87 5.62 -31.03 27.07
C GLU A 87 5.69 -32.12 28.18
N PHE A 88 4.58 -32.33 28.87
CA PHE A 88 4.59 -33.21 30.04
C PHE A 88 3.72 -34.44 29.84
N GLY A 89 3.16 -34.58 28.64
CA GLY A 89 2.23 -35.65 28.36
C GLY A 89 2.90 -36.96 28.04
N SER A 90 2.11 -38.04 28.08
CA SER A 90 2.56 -39.35 27.64
C SER A 90 2.38 -39.53 26.13
N LYS A 91 3.12 -40.47 25.56
CA LYS A 91 2.99 -40.83 24.16
C LYS A 91 1.52 -40.99 23.76
N ILE A 92 0.81 -41.83 24.49
CA ILE A 92 -0.61 -42.05 24.25
C ILE A 92 -1.36 -40.72 24.18
N GLN A 93 -1.05 -39.79 25.07
CA GLN A 93 -1.77 -38.51 25.11
C GLN A 93 -1.38 -37.59 23.94
N LYS A 94 -0.08 -37.53 23.66
CA LYS A 94 0.40 -36.78 22.53
C LYS A 94 -0.21 -37.31 21.22
N ASN A 95 -0.20 -38.63 21.03
CA ASN A 95 -0.77 -39.24 19.83
C ASN A 95 -2.24 -38.88 19.64
N THR A 96 -2.96 -38.81 20.74
CA THR A 96 -4.38 -38.50 20.71
C THR A 96 -4.65 -37.09 20.23
N LEU A 97 -3.85 -36.13 20.70
CA LEU A 97 -3.97 -34.74 20.28
C LEU A 97 -3.61 -34.60 18.81
N VAL A 98 -2.53 -35.26 18.41
CA VAL A 98 -2.10 -35.24 17.03
C VAL A 98 -3.23 -35.74 16.12
N ASP A 99 -3.85 -36.84 16.53
CA ASP A 99 -4.95 -37.40 15.74
C ASP A 99 -6.15 -36.47 15.67
N GLN A 100 -6.24 -35.52 16.59
CA GLN A 100 -7.26 -34.47 16.49
C GLN A 100 -6.81 -33.30 15.61
N PHE A 101 -5.52 -33.25 15.27
CA PHE A 101 -5.00 -32.17 14.45
C PHE A 101 -5.08 -32.55 12.97
N LYS A 102 -4.95 -33.85 12.70
CA LYS A 102 -5.04 -34.37 11.33
C LYS A 102 -6.28 -33.85 10.60
N GLY A 103 -6.05 -33.27 9.42
CA GLY A 103 -7.12 -32.68 8.62
C GLY A 103 -7.42 -31.25 8.99
N ASN A 104 -6.74 -30.74 10.03
CA ASN A 104 -7.00 -29.41 10.55
C ASN A 104 -5.78 -28.54 10.65
N MET A 105 -4.66 -29.01 10.11
CA MET A 105 -3.42 -28.26 10.18
C MET A 105 -3.57 -26.82 9.74
N LYS A 106 -4.09 -26.61 8.53
CA LYS A 106 -4.15 -25.28 7.93
C LYS A 106 -4.93 -24.33 8.82
N GLN A 107 -6.11 -24.75 9.21
CA GLN A 107 -6.97 -23.93 10.02
C GLN A 107 -6.31 -23.55 11.34
N LEU A 108 -5.78 -24.55 12.04
CA LEU A 108 -5.09 -24.30 13.31
C LEU A 108 -3.89 -23.37 13.10
N SER A 109 -3.17 -23.60 12.02
CA SER A 109 -1.95 -22.85 11.80
C SER A 109 -2.24 -21.38 11.55
N LEU A 110 -3.45 -21.08 11.07
CA LEU A 110 -3.83 -19.69 10.81
C LEU A 110 -4.45 -18.97 12.02
N GLN A 111 -4.85 -19.73 13.04
CA GLN A 111 -5.45 -19.14 14.23
C GLN A 111 -4.38 -18.55 15.16
N MET A 112 -4.70 -17.44 15.80
CA MET A 112 -3.74 -16.70 16.63
C MET A 112 -3.21 -17.54 17.80
N TYR A 113 -4.07 -18.36 18.39
CA TYR A 113 -3.65 -19.15 19.56
C TYR A 113 -3.25 -20.57 19.24
N ALA A 114 -4.06 -21.24 18.42
CA ALA A 114 -3.77 -22.61 18.02
C ALA A 114 -2.43 -22.76 17.28
N CYS A 115 -1.98 -21.72 16.59
CA CYS A 115 -0.67 -21.81 15.94
C CYS A 115 0.43 -22.00 16.97
N ARG A 116 0.23 -21.45 18.17
CA ARG A 116 1.20 -21.62 19.26
C ARG A 116 1.25 -23.07 19.72
N VAL A 117 0.09 -23.73 19.68
CA VAL A 117 0.00 -25.13 20.05
C VAL A 117 0.67 -26.00 19.00
N ILE A 118 0.42 -25.67 17.73
CA ILE A 118 1.01 -26.37 16.61
C ILE A 118 2.55 -26.25 16.70
N GLN A 119 3.01 -25.04 16.99
CA GLN A 119 4.42 -24.80 17.09
C GLN A 119 5.07 -25.62 18.20
N LYS A 120 4.35 -25.74 19.33
CA LYS A 120 4.86 -26.48 20.47
C LYS A 120 4.88 -27.98 20.11
N ALA A 121 3.85 -28.41 19.40
CA ALA A 121 3.71 -29.82 19.05
C ALA A 121 4.85 -30.32 18.17
N LEU A 122 5.24 -29.54 17.17
CA LEU A 122 6.33 -29.91 16.27
C LEU A 122 7.63 -30.18 17.02
N GLU A 123 7.87 -29.36 18.04
CA GLU A 123 8.97 -29.57 18.96
C GLU A 123 8.94 -30.92 19.71
N TYR A 124 7.76 -31.46 19.99
CA TYR A 124 7.67 -32.61 20.91
C TYR A 124 7.25 -33.96 20.35
N ILE A 125 6.60 -33.99 19.19
CA ILE A 125 6.10 -35.25 18.64
C ILE A 125 7.17 -35.99 17.82
N ASP A 126 6.87 -37.19 17.38
CA ASP A 126 7.90 -37.97 16.69
C ASP A 126 8.04 -37.52 15.23
N SER A 127 9.23 -37.75 14.69
CA SER A 127 9.62 -37.17 13.41
C SER A 127 8.58 -37.43 12.34
N ASN A 128 7.97 -38.62 12.37
CA ASN A 128 6.98 -38.99 11.37
C ASN A 128 5.69 -38.22 11.49
N GLN A 129 5.31 -37.92 12.72
CA GLN A 129 4.09 -37.16 12.95
C GLN A 129 4.28 -35.71 12.51
N ARG A 130 5.50 -35.19 12.66
CA ARG A 130 5.79 -33.83 12.20
C ARG A 130 5.49 -33.66 10.72
N ILE A 131 6.12 -34.51 9.92
CA ILE A 131 6.00 -34.41 8.46
C ILE A 131 4.55 -34.70 8.04
N GLU A 132 3.94 -35.66 8.71
CA GLU A 132 2.55 -36.01 8.44
C GLU A 132 1.63 -34.81 8.57
N LEU A 133 1.81 -34.04 9.65
CA LEU A 133 1.05 -32.80 9.86
C LEU A 133 1.41 -31.69 8.86
N VAL A 134 2.71 -31.48 8.66
CA VAL A 134 3.18 -30.42 7.79
C VAL A 134 2.77 -30.62 6.31
N LEU A 135 2.70 -31.88 5.88
CA LEU A 135 2.27 -32.21 4.51
C LEU A 135 0.92 -31.59 4.15
N GLU A 136 0.14 -31.23 5.15
CA GLU A 136 -1.20 -30.69 4.92
C GLU A 136 -1.11 -29.25 4.45
N LEU A 137 0.09 -28.69 4.53
CA LEU A 137 0.33 -27.31 4.15
C LEU A 137 1.03 -27.26 2.80
N SER A 138 1.14 -28.41 2.14
CA SER A 138 1.97 -28.53 0.94
C SER A 138 1.52 -27.65 -0.24
N ASP A 139 0.26 -27.24 -0.26
CA ASP A 139 -0.27 -26.43 -1.34
C ASP A 139 -0.61 -25.02 -0.89
N SER A 140 -0.17 -24.66 0.29
CA SER A 140 -0.58 -23.39 0.90
C SER A 140 0.61 -22.64 1.42
N VAL A 141 1.79 -23.05 0.97
CA VAL A 141 3.05 -22.51 1.47
C VAL A 141 3.14 -21.00 1.36
N LEU A 142 2.99 -20.46 0.15
CA LEU A 142 2.97 -18.99 -0.05
C LEU A 142 1.95 -18.31 0.87
N GLN A 143 0.73 -18.85 0.91
CA GLN A 143 -0.26 -18.31 1.83
C GLN A 143 0.24 -18.37 3.28
N MET A 144 0.89 -19.46 3.65
CA MET A 144 1.37 -19.63 5.04
C MET A 144 2.43 -18.58 5.41
N ILE A 145 3.37 -18.35 4.50
CA ILE A 145 4.47 -17.41 4.74
C ILE A 145 3.98 -15.96 4.85
N LYS A 146 2.87 -15.65 4.20
CA LYS A 146 2.36 -14.28 4.25
C LYS A 146 1.45 -14.04 5.45
N ASP A 147 1.01 -15.12 6.08
CA ASP A 147 0.15 -15.02 7.25
C ASP A 147 0.94 -14.67 8.51
N GLN A 148 0.38 -13.76 9.29
CA GLN A 148 0.92 -13.38 10.60
C GLN A 148 1.12 -14.57 11.58
N ASN A 149 0.32 -15.63 11.43
CA ASN A 149 0.47 -16.79 12.30
C ASN A 149 1.17 -17.95 11.58
N GLY A 150 0.86 -18.14 10.31
CA GLY A 150 1.40 -19.26 9.57
C GLY A 150 2.90 -19.20 9.24
N ASN A 151 3.48 -18.00 9.21
CA ASN A 151 4.87 -17.91 8.86
C ASN A 151 5.74 -18.56 9.94
N HIS A 152 5.26 -18.52 11.19
CA HIS A 152 5.99 -19.08 12.30
C HIS A 152 5.93 -20.60 12.27
N VAL A 153 4.82 -21.13 11.78
CA VAL A 153 4.65 -22.58 11.69
C VAL A 153 5.59 -23.13 10.63
N ILE A 154 5.64 -22.43 9.50
CA ILE A 154 6.58 -22.71 8.42
C ILE A 154 8.03 -22.73 8.92
N GLN A 155 8.44 -21.67 9.63
CA GLN A 155 9.80 -21.58 10.17
C GLN A 155 10.07 -22.75 11.13
N LYS A 156 9.11 -23.01 12.01
CA LYS A 156 9.21 -24.10 12.94
C LYS A 156 9.38 -25.44 12.21
N ALA A 157 8.57 -25.63 11.17
CA ALA A 157 8.68 -26.83 10.33
C ALA A 157 10.09 -26.95 9.72
N ILE A 158 10.62 -25.86 9.22
CA ILE A 158 11.99 -25.90 8.67
C ILE A 158 13.05 -26.25 9.74
N GLU A 159 12.83 -25.80 10.97
CA GLU A 159 13.75 -26.05 12.07
C GLU A 159 13.69 -27.48 12.60
N THR A 160 12.52 -28.10 12.51
CA THR A 160 12.29 -29.40 13.13
C THR A 160 12.30 -30.59 12.16
N ILE A 161 12.19 -30.30 10.86
CA ILE A 161 12.12 -31.39 9.87
C ILE A 161 13.24 -31.25 8.84
N PRO A 162 13.90 -32.38 8.50
CA PRO A 162 14.97 -32.37 7.51
C PRO A 162 14.46 -31.90 6.16
N ILE A 163 15.10 -30.88 5.61
CA ILE A 163 14.64 -30.23 4.37
C ILE A 163 14.39 -31.19 3.22
N GLU A 164 15.15 -32.29 3.17
CA GLU A 164 14.89 -33.36 2.20
C GLU A 164 13.45 -33.86 2.27
N LYS A 165 12.84 -33.78 3.45
CA LYS A 165 11.45 -34.20 3.58
C LYS A 165 10.48 -33.09 3.23
N LEU A 166 11.00 -31.91 2.92
CA LEU A 166 10.19 -30.73 2.63
C LEU A 166 10.40 -30.10 1.25
N PRO A 167 10.36 -30.90 0.17
CA PRO A 167 10.70 -30.34 -1.15
C PRO A 167 9.72 -29.27 -1.58
N PHE A 168 8.48 -29.43 -1.15
CA PHE A 168 7.38 -28.57 -1.58
C PHE A 168 7.47 -27.14 -1.07
N ILE A 169 8.42 -26.87 -0.17
CA ILE A 169 8.58 -25.52 0.31
C ILE A 169 9.25 -24.66 -0.77
N LEU A 170 10.49 -24.98 -1.10
CA LEU A 170 11.22 -24.23 -2.12
C LEU A 170 10.55 -24.31 -3.49
N SER A 171 10.06 -25.49 -3.85
CA SER A 171 9.44 -25.68 -5.14
C SER A 171 8.24 -24.75 -5.30
N SER A 172 7.66 -24.33 -4.18
CA SER A 172 6.53 -23.40 -4.21
C SER A 172 6.99 -21.96 -4.26
N LEU A 173 8.27 -21.73 -3.97
CA LEU A 173 8.78 -20.37 -3.85
C LEU A 173 9.45 -19.85 -5.13
N THR A 174 9.91 -20.75 -5.99
CA THR A 174 10.70 -20.33 -7.15
C THR A 174 9.90 -19.32 -7.97
N GLY A 175 10.54 -18.20 -8.28
CA GLY A 175 9.85 -17.09 -8.91
C GLY A 175 9.44 -16.02 -7.90
N HIS A 176 9.34 -16.41 -6.63
CA HIS A 176 8.87 -15.47 -5.62
C HIS A 176 9.95 -15.05 -4.64
N ILE A 177 11.14 -15.60 -4.80
CA ILE A 177 12.20 -15.44 -3.81
C ILE A 177 12.64 -14.00 -3.57
N TYR A 178 12.78 -13.20 -4.62
CA TYR A 178 13.13 -11.80 -4.40
C TYR A 178 12.01 -11.06 -3.66
N HIS A 179 10.78 -11.21 -4.15
CA HIS A 179 9.63 -10.64 -3.48
C HIS A 179 9.67 -10.98 -1.99
N LEU A 180 9.80 -12.27 -1.66
CA LEU A 180 9.77 -12.72 -0.27
C LEU A 180 10.90 -12.12 0.57
N SER A 181 12.03 -11.89 -0.08
CA SER A 181 13.24 -11.40 0.60
C SER A 181 13.13 -9.95 1.01
N THR A 182 12.12 -9.25 0.46
CA THR A 182 11.82 -7.88 0.85
C THR A 182 10.52 -7.78 1.67
N HIS A 183 9.86 -8.91 1.87
CA HIS A 183 8.70 -8.96 2.74
C HIS A 183 9.13 -9.21 4.20
N SER A 184 8.33 -8.75 5.14
CA SER A 184 8.63 -8.84 6.56
C SER A 184 8.80 -10.29 7.04
N TYR A 185 7.95 -11.20 6.56
CA TYR A 185 7.99 -12.58 7.01
C TYR A 185 8.83 -13.39 6.04
N GLY A 186 8.75 -13.03 4.77
CA GLY A 186 9.46 -13.73 3.73
C GLY A 186 10.95 -13.79 3.98
N CYS A 187 11.51 -12.76 4.63
CA CYS A 187 12.94 -12.72 4.82
C CYS A 187 13.38 -13.66 5.95
N ARG A 188 12.51 -13.85 6.93
CA ARG A 188 12.75 -14.82 8.00
C ARG A 188 12.80 -16.25 7.44
N VAL A 189 11.79 -16.59 6.65
CA VAL A 189 11.74 -17.89 6.00
C VAL A 189 12.96 -18.10 5.11
N ILE A 190 13.28 -17.10 4.29
CA ILE A 190 14.44 -17.17 3.42
C ILE A 190 15.69 -17.44 4.26
N GLN A 191 15.84 -16.68 5.34
CA GLN A 191 16.96 -16.90 6.23
C GLN A 191 17.01 -18.35 6.77
N ARG A 192 15.84 -18.95 7.03
CA ARG A 192 15.83 -20.32 7.52
C ARG A 192 16.15 -21.30 6.39
N LEU A 193 15.60 -21.04 5.21
CA LEU A 193 15.81 -21.96 4.09
C LEU A 193 17.30 -22.02 3.80
N LEU A 194 17.97 -20.88 3.83
CA LEU A 194 19.42 -20.83 3.63
C LEU A 194 20.17 -21.58 4.72
N GLU A 195 19.83 -21.35 5.99
CA GLU A 195 20.52 -21.98 7.11
C GLU A 195 20.41 -23.51 7.09
N PHE A 196 19.21 -24.00 6.81
CA PHE A 196 18.89 -25.43 6.89
C PHE A 196 18.87 -26.13 5.55
N GLY A 197 18.98 -25.38 4.46
CA GLY A 197 18.87 -25.95 3.13
C GLY A 197 20.12 -26.69 2.66
N SER A 198 19.92 -27.61 1.73
CA SER A 198 21.03 -28.27 1.04
C SER A 198 21.79 -27.25 0.19
N SER A 199 23.00 -27.59 -0.20
CA SER A 199 23.81 -26.71 -1.06
C SER A 199 23.06 -26.32 -2.33
N GLU A 200 22.22 -27.22 -2.82
CA GLU A 200 21.45 -26.98 -4.03
C GLU A 200 20.31 -26.01 -3.76
N ASP A 201 19.63 -26.18 -2.63
CA ASP A 201 18.58 -25.25 -2.24
C ASP A 201 19.15 -23.84 -2.15
N GLN A 202 20.31 -23.70 -1.51
CA GLN A 202 20.97 -22.40 -1.37
C GLN A 202 21.30 -21.81 -2.73
N GLU A 203 21.68 -22.65 -3.67
CA GLU A 203 22.02 -22.20 -5.02
C GLU A 203 20.76 -21.65 -5.68
N SER A 204 19.68 -22.42 -5.60
CA SER A 204 18.40 -22.02 -6.17
C SER A 204 17.89 -20.68 -5.63
N ILE A 205 18.22 -20.40 -4.38
CA ILE A 205 17.76 -19.17 -3.73
C ILE A 205 18.66 -17.98 -4.09
N LEU A 206 19.96 -18.21 -4.08
CA LEU A 206 20.95 -17.15 -4.30
C LEU A 206 20.97 -16.71 -5.77
N ASN A 207 20.52 -17.60 -6.66
CA ASN A 207 20.38 -17.29 -8.07
C ASN A 207 19.28 -16.27 -8.35
N GLU A 208 18.20 -16.31 -7.58
CA GLU A 208 17.11 -15.35 -7.76
C GLU A 208 17.42 -14.01 -7.08
N LEU A 209 18.53 -13.95 -6.36
CA LEU A 209 18.87 -12.72 -5.65
C LEU A 209 20.10 -12.04 -6.24
N LYS A 210 20.94 -12.80 -6.94
CA LYS A 210 22.24 -12.30 -7.35
C LYS A 210 22.20 -11.21 -8.43
N ASP A 211 21.01 -10.86 -8.90
CA ASP A 211 20.87 -9.77 -9.87
C ASP A 211 20.31 -8.52 -9.21
N PHE A 212 20.10 -8.59 -7.89
CA PHE A 212 19.37 -7.53 -7.19
C PHE A 212 19.99 -7.06 -5.89
N ILE A 213 21.27 -7.36 -5.68
CA ILE A 213 21.98 -7.01 -4.45
C ILE A 213 21.85 -5.55 -4.07
N PRO A 214 21.97 -4.62 -5.05
CA PRO A 214 21.73 -3.21 -4.77
C PRO A 214 20.37 -2.90 -4.14
N TYR A 215 19.29 -3.51 -4.63
CA TYR A 215 17.99 -3.26 -4.01
C TYR A 215 17.92 -3.88 -2.63
N LEU A 216 18.40 -5.12 -2.52
CA LEU A 216 18.38 -5.83 -1.23
C LEU A 216 19.15 -5.09 -0.15
N ILE A 217 20.31 -4.55 -0.50
CA ILE A 217 21.13 -3.88 0.51
C ILE A 217 20.41 -2.70 1.15
N GLN A 218 19.53 -2.06 0.40
CA GLN A 218 18.93 -0.82 0.86
C GLN A 218 17.49 -0.98 1.33
N ASP A 219 16.95 -2.19 1.15
CA ASP A 219 15.61 -2.51 1.64
C ASP A 219 15.56 -2.72 3.16
N GLN A 220 14.43 -2.38 3.75
CA GLN A 220 14.26 -2.52 5.20
C GLN A 220 14.22 -3.97 5.71
N TYR A 221 14.00 -4.92 4.82
CA TYR A 221 14.02 -6.33 5.20
C TYR A 221 15.12 -7.10 4.50
N GLY A 222 15.22 -6.90 3.18
CA GLY A 222 16.28 -7.51 2.39
C GLY A 222 17.70 -7.35 2.93
N ASN A 223 17.98 -6.22 3.59
CA ASN A 223 19.31 -5.98 4.13
C ASN A 223 19.70 -7.00 5.21
N TYR A 224 18.71 -7.61 5.84
CA TYR A 224 19.00 -8.67 6.80
C TYR A 224 19.45 -9.92 6.07
N VAL A 225 18.83 -10.21 4.92
CA VAL A 225 19.21 -11.37 4.12
C VAL A 225 20.64 -11.21 3.66
N ILE A 226 21.01 -9.97 3.34
CA ILE A 226 22.38 -9.69 2.91
C ILE A 226 23.33 -9.96 4.07
N GLN A 227 22.96 -9.47 5.25
CA GLN A 227 23.79 -9.62 6.43
C GLN A 227 24.01 -11.08 6.77
N TYR A 228 22.98 -11.89 6.57
CA TYR A 228 23.10 -13.30 6.87
C TYR A 228 24.07 -13.96 5.90
N VAL A 229 24.02 -13.59 4.63
CA VAL A 229 24.99 -14.10 3.66
C VAL A 229 26.42 -13.65 3.98
N LEU A 230 26.57 -12.39 4.39
CA LEU A 230 27.87 -11.84 4.75
C LEU A 230 28.55 -12.58 5.91
N GLN A 231 27.76 -13.06 6.86
CA GLN A 231 28.35 -13.62 8.06
C GLN A 231 28.62 -15.11 7.95
N GLN A 232 28.36 -15.68 6.78
CA GLN A 232 28.76 -17.05 6.50
C GLN A 232 30.28 -17.16 6.37
N ASP A 233 30.80 -18.37 6.54
CA ASP A 233 32.23 -18.59 6.43
C ASP A 233 32.55 -19.30 5.11
N GLN A 234 33.81 -19.26 4.70
CA GLN A 234 34.21 -19.87 3.43
C GLN A 234 34.22 -21.40 3.52
N PHE A 235 33.67 -21.92 4.60
CA PHE A 235 33.47 -23.35 4.77
C PHE A 235 32.29 -23.79 3.89
N THR A 236 31.41 -22.84 3.58
CA THR A 236 30.19 -23.13 2.82
C THR A 236 30.43 -23.39 1.34
N ASN A 237 29.35 -23.31 0.57
CA ASN A 237 29.36 -23.74 -0.84
C ASN A 237 29.96 -22.72 -1.81
N LYS A 238 30.09 -23.15 -3.07
CA LYS A 238 30.67 -22.32 -4.11
C LYS A 238 29.81 -21.08 -4.39
N GLU A 239 28.52 -21.18 -4.10
CA GLU A 239 27.58 -20.11 -4.43
C GLU A 239 27.64 -18.99 -3.38
N MET A 240 27.77 -19.36 -2.12
CA MET A 240 27.93 -18.39 -1.04
C MET A 240 29.16 -17.51 -1.27
N VAL A 241 30.30 -18.16 -1.49
CA VAL A 241 31.55 -17.45 -1.71
C VAL A 241 31.42 -16.39 -2.83
N ASP A 242 30.90 -16.79 -3.98
CA ASP A 242 30.70 -15.85 -5.08
C ASP A 242 29.75 -14.71 -4.72
N ILE A 243 28.62 -15.04 -4.09
CA ILE A 243 27.64 -14.01 -3.74
C ILE A 243 28.21 -13.08 -2.67
N LYS A 244 28.98 -13.64 -1.74
CA LYS A 244 29.59 -12.82 -0.71
C LYS A 244 30.54 -11.79 -1.32
N GLN A 245 31.19 -12.18 -2.41
CA GLN A 245 32.08 -11.30 -3.13
C GLN A 245 31.31 -10.15 -3.84
N GLU A 246 30.25 -10.49 -4.56
CA GLU A 246 29.42 -9.47 -5.22
C GLU A 246 28.83 -8.47 -4.24
N ILE A 247 28.66 -8.90 -2.99
CA ILE A 247 28.11 -8.01 -1.99
C ILE A 247 29.19 -7.04 -1.56
N ILE A 248 30.37 -7.57 -1.26
CA ILE A 248 31.53 -6.75 -0.97
C ILE A 248 31.84 -5.78 -2.14
N GLU A 249 31.91 -6.33 -3.34
CA GLU A 249 32.21 -5.50 -4.51
C GLU A 249 31.19 -4.40 -4.63
N THR A 250 29.92 -4.74 -4.43
CA THR A 250 28.86 -3.74 -4.55
C THR A 250 28.96 -2.70 -3.46
N VAL A 251 29.30 -3.13 -2.24
CA VAL A 251 29.48 -2.20 -1.14
C VAL A 251 30.71 -1.33 -1.37
N ALA A 252 31.75 -1.93 -1.94
CA ALA A 252 32.94 -1.17 -2.30
C ALA A 252 32.58 -0.01 -3.24
N ASN A 253 31.84 -0.32 -4.31
CA ASN A 253 31.48 0.70 -5.30
C ASN A 253 30.60 1.83 -4.76
N ASN A 254 30.07 1.67 -3.55
CA ASN A 254 29.11 2.63 -3.01
C ASN A 254 29.34 2.99 -1.56
N VAL A 255 30.56 2.78 -1.10
CA VAL A 255 30.84 2.82 0.32
C VAL A 255 30.20 4.00 1.03
N VAL A 256 30.38 5.18 0.45
CA VAL A 256 29.93 6.39 1.12
C VAL A 256 28.41 6.51 1.16
N GLU A 257 27.73 6.27 0.05
CA GLU A 257 26.27 6.45 -0.02
C GLU A 257 25.55 5.46 0.88
N TYR A 258 25.99 4.21 0.86
CA TYR A 258 25.42 3.20 1.76
C TYR A 258 25.63 3.58 3.22
N SER A 259 26.84 4.01 3.56
CA SER A 259 27.15 4.40 4.93
C SER A 259 26.20 5.48 5.44
N LYS A 260 25.64 6.26 4.53
CA LYS A 260 24.74 7.35 4.90
C LYS A 260 23.29 6.94 4.81
N HIS A 261 23.09 5.65 4.52
CA HIS A 261 21.77 5.06 4.34
C HIS A 261 21.37 4.35 5.64
N LYS A 262 20.16 4.64 6.11
CA LYS A 262 19.66 4.06 7.36
C LYS A 262 19.82 2.54 7.40
N PHE A 263 19.40 1.88 6.32
CA PHE A 263 19.42 0.43 6.24
C PHE A 263 20.76 -0.12 5.74
N ALA A 264 21.30 0.51 4.71
CA ALA A 264 22.51 0.00 4.08
C ALA A 264 23.76 0.19 4.95
N SER A 265 23.71 1.13 5.90
CA SER A 265 24.85 1.37 6.79
C SER A 265 25.16 0.13 7.61
N ASN A 266 24.13 -0.64 7.96
CA ASN A 266 24.32 -1.89 8.70
C ASN A 266 25.04 -2.94 7.84
N VAL A 267 24.77 -2.91 6.53
CA VAL A 267 25.43 -3.84 5.62
C VAL A 267 26.92 -3.51 5.46
N VAL A 268 27.26 -2.24 5.50
CA VAL A 268 28.66 -1.86 5.42
C VAL A 268 29.40 -2.34 6.67
N GLU A 269 28.74 -2.26 7.82
CA GLU A 269 29.38 -2.71 9.05
C GLU A 269 29.68 -4.20 9.03
N LYS A 270 28.73 -4.99 8.56
CA LYS A 270 28.93 -6.44 8.49
C LYS A 270 29.98 -6.76 7.46
N SER A 271 30.01 -5.98 6.38
CA SER A 271 30.97 -6.17 5.31
C SER A 271 32.36 -6.14 5.87
N ILE A 272 32.68 -5.06 6.60
CA ILE A 272 34.02 -4.89 7.14
C ILE A 272 34.26 -5.77 8.38
N LEU A 273 33.18 -6.20 9.02
CA LEU A 273 33.29 -7.07 10.18
C LEU A 273 33.53 -8.51 9.78
N TYR A 274 32.80 -9.00 8.78
CA TYR A 274 32.90 -10.41 8.40
C TYR A 274 33.60 -10.70 7.07
N GLY A 275 33.99 -9.67 6.35
CA GLY A 275 34.73 -9.88 5.12
C GLY A 275 36.15 -10.35 5.36
N SER A 276 36.70 -11.10 4.41
CA SER A 276 38.09 -11.58 4.47
C SER A 276 39.08 -10.41 4.49
N LYS A 277 40.35 -10.73 4.71
CA LYS A 277 41.39 -9.71 4.72
C LYS A 277 41.32 -8.83 3.48
N ASN A 278 41.26 -9.46 2.31
CA ASN A 278 41.22 -8.76 1.03
C ASN A 278 39.94 -7.96 0.84
N GLN A 279 38.79 -8.62 1.04
CA GLN A 279 37.50 -7.96 0.89
C GLN A 279 37.43 -6.69 1.74
N LYS A 280 38.00 -6.78 2.94
CA LYS A 280 37.98 -5.66 3.88
C LYS A 280 38.83 -4.50 3.40
N ASP A 281 40.01 -4.81 2.87
CA ASP A 281 40.93 -3.79 2.40
C ASP A 281 40.34 -3.15 1.15
N LEU A 282 39.66 -3.95 0.34
CA LEU A 282 38.94 -3.46 -0.82
C LEU A 282 37.96 -2.35 -0.46
N ILE A 283 37.29 -2.49 0.68
CA ILE A 283 36.31 -1.50 1.09
C ILE A 283 36.97 -0.29 1.74
N ILE A 284 37.99 -0.54 2.57
CA ILE A 284 38.62 0.53 3.32
C ILE A 284 39.47 1.42 2.41
N SER A 285 39.99 0.84 1.34
CA SER A 285 40.79 1.58 0.37
C SER A 285 39.97 2.63 -0.37
N LYS A 286 38.68 2.68 -0.08
CA LYS A 286 37.79 3.66 -0.68
C LYS A 286 37.70 4.91 0.19
N ILE A 287 38.02 4.75 1.47
CA ILE A 287 37.84 5.82 2.45
C ILE A 287 39.16 6.33 3.00
N LEU A 288 40.18 5.49 2.94
CA LEU A 288 41.49 5.83 3.49
C LEU A 288 42.14 7.03 2.81
N PRO A 289 42.51 8.04 3.60
CA PRO A 289 43.32 9.17 3.14
C PRO A 289 44.66 8.68 2.59
N ARG A 290 45.08 9.21 1.44
CA ARG A 290 46.21 8.65 0.72
C ARG A 290 47.50 8.54 1.55
N ASP A 291 47.71 9.48 2.47
CA ASP A 291 48.96 9.52 3.25
C ASP A 291 48.81 10.28 4.55
N LYS A 292 49.90 10.34 5.31
CA LYS A 292 49.90 11.03 6.61
C LYS A 292 49.50 12.49 6.48
N ASN A 293 49.64 13.05 5.28
CA ASN A 293 49.38 14.47 5.04
C ASN A 293 47.92 14.73 4.74
N HIS A 294 47.38 14.01 3.75
CA HIS A 294 45.96 14.07 3.45
C HIS A 294 45.19 13.91 4.74
N ALA A 295 45.61 12.95 5.55
CA ALA A 295 44.96 12.65 6.82
C ALA A 295 44.87 13.87 7.72
N LEU A 296 45.99 14.57 7.87
CA LEU A 296 46.03 15.74 8.74
C LEU A 296 45.20 16.90 8.21
N ASN A 297 45.12 17.00 6.89
CA ASN A 297 44.34 18.07 6.26
C ASN A 297 43.37 17.54 5.21
N LEU A 298 42.24 17.03 5.67
CA LEU A 298 41.21 16.50 4.78
C LEU A 298 40.26 17.61 4.37
N GLU A 299 39.58 17.42 3.25
CA GLU A 299 38.60 18.38 2.77
C GLU A 299 37.21 17.97 3.21
N ASP A 300 36.31 18.95 3.28
CA ASP A 300 34.96 18.72 3.76
C ASP A 300 34.13 17.85 2.81
N ASP A 301 34.74 17.41 1.72
CA ASP A 301 34.07 16.55 0.75
C ASP A 301 34.76 15.20 0.58
N SER A 302 35.84 15.00 1.32
CA SER A 302 36.49 13.70 1.38
C SER A 302 35.58 12.69 2.08
N PRO A 303 35.57 11.44 1.59
CA PRO A 303 34.75 10.35 2.15
C PRO A 303 34.69 10.37 3.68
N MET A 304 35.84 10.28 4.33
CA MET A 304 35.95 10.26 5.79
C MET A 304 35.08 11.33 6.43
N ILE A 305 35.26 12.58 6.00
CA ILE A 305 34.60 13.70 6.64
C ILE A 305 33.10 13.72 6.38
N LEU A 306 32.70 13.37 5.17
CA LEU A 306 31.29 13.25 4.84
C LEU A 306 30.67 12.18 5.74
N MET A 307 31.47 11.18 6.09
CA MET A 307 31.00 10.07 6.90
C MET A 307 30.94 10.43 8.39
N ILE A 308 32.01 11.01 8.92
CA ILE A 308 32.04 11.43 10.32
C ILE A 308 30.85 12.32 10.70
N LYS A 309 30.40 13.12 9.74
CA LYS A 309 29.34 14.10 10.01
C LYS A 309 27.93 13.54 9.82
N ASP A 310 27.83 12.32 9.30
CA ASP A 310 26.52 11.73 9.00
C ASP A 310 26.00 10.86 10.14
N GLN A 311 24.68 10.91 10.35
CA GLN A 311 24.02 10.20 11.44
C GLN A 311 24.28 8.68 11.42
N PHE A 312 24.32 8.10 10.23
CA PHE A 312 24.54 6.66 10.09
C PHE A 312 26.01 6.32 9.85
N ALA A 313 26.68 7.13 9.03
CA ALA A 313 28.06 6.85 8.62
C ALA A 313 29.05 6.87 9.78
N ASN A 314 28.78 7.67 10.81
CA ASN A 314 29.67 7.72 11.97
C ASN A 314 29.88 6.35 12.64
N TYR A 315 28.86 5.48 12.59
CA TYR A 315 28.97 4.13 13.16
C TYR A 315 29.91 3.27 12.32
N VAL A 316 29.82 3.43 11.01
CA VAL A 316 30.73 2.70 10.11
C VAL A 316 32.17 3.16 10.32
N ILE A 317 32.35 4.41 10.73
CA ILE A 317 33.68 4.93 11.03
C ILE A 317 34.20 4.32 12.32
N GLN A 318 33.40 4.40 13.37
CA GLN A 318 33.71 3.74 14.63
C GLN A 318 34.09 2.28 14.38
N LYS A 319 33.26 1.59 13.61
CA LYS A 319 33.50 0.19 13.26
C LYS A 319 34.87 0.02 12.62
N LEU A 320 35.20 0.90 11.67
CA LEU A 320 36.49 0.82 10.98
C LEU A 320 37.65 0.94 11.95
N VAL A 321 37.53 1.87 12.89
CA VAL A 321 38.54 2.03 13.93
C VAL A 321 38.91 0.68 14.54
N ASN A 322 37.90 -0.11 14.90
CA ASN A 322 38.09 -1.41 15.53
C ASN A 322 38.69 -2.49 14.64
N VAL A 323 38.15 -2.63 13.44
CA VAL A 323 38.55 -3.71 12.53
C VAL A 323 39.77 -3.35 11.69
N SER A 324 40.34 -2.18 11.95
CA SER A 324 41.45 -1.68 11.14
C SER A 324 42.82 -2.25 11.50
N GLU A 325 43.56 -2.65 10.46
CA GLU A 325 44.94 -3.11 10.60
C GLU A 325 45.89 -1.92 10.77
N GLY A 326 47.07 -2.19 11.33
CA GLY A 326 48.02 -1.15 11.70
C GLY A 326 48.28 -0.01 10.73
N GLU A 327 48.37 -0.32 9.44
CA GLU A 327 48.74 0.69 8.46
C GLU A 327 47.58 1.59 8.04
N GLY A 328 46.38 1.02 7.96
CA GLY A 328 45.20 1.80 7.65
C GLY A 328 44.64 2.44 8.90
N LYS A 329 44.48 1.64 9.94
CA LYS A 329 44.08 2.11 11.26
C LYS A 329 44.83 3.37 11.63
N LYS A 330 46.12 3.39 11.31
CA LYS A 330 46.98 4.54 11.57
C LYS A 330 46.37 5.81 11.00
N LEU A 331 46.06 5.78 9.70
CA LEU A 331 45.57 6.95 8.99
C LEU A 331 44.17 7.36 9.43
N ILE A 332 43.36 6.38 9.80
CA ILE A 332 41.98 6.63 10.19
C ILE A 332 41.90 7.42 11.49
N VAL A 333 42.73 7.02 12.45
CA VAL A 333 42.71 7.65 13.77
C VAL A 333 43.07 9.11 13.69
N ILE A 334 44.21 9.39 13.06
CA ILE A 334 44.72 10.74 12.95
C ILE A 334 43.73 11.67 12.27
N ALA A 335 43.06 11.16 11.23
CA ALA A 335 42.03 11.93 10.54
C ALA A 335 40.92 12.34 11.48
N ILE A 336 40.48 11.39 12.31
CA ILE A 336 39.40 11.63 13.27
C ILE A 336 39.84 12.65 14.29
N ARG A 337 41.03 12.46 14.84
CA ARG A 337 41.58 13.41 15.80
C ARG A 337 41.59 14.81 15.22
N ALA A 338 42.01 14.92 13.97
CA ALA A 338 42.05 16.20 13.27
C ALA A 338 40.67 16.85 13.20
N TYR A 339 39.64 16.07 12.90
CA TYR A 339 38.29 16.61 12.73
C TYR A 339 37.76 17.25 14.00
N LEU A 340 38.16 16.71 15.14
CA LEU A 340 37.70 17.22 16.42
C LEU A 340 38.30 18.59 16.68
N ASP A 341 39.56 18.75 16.32
CA ASP A 341 40.26 20.02 16.49
C ASP A 341 39.55 21.17 15.80
N LYS A 342 39.41 21.09 14.48
CA LYS A 342 38.76 22.14 13.69
C LYS A 342 37.46 22.62 14.31
N LEU A 343 36.59 21.66 14.63
CA LEU A 343 35.27 21.98 15.18
C LEU A 343 35.41 22.59 16.56
N ASN A 344 36.42 22.12 17.29
CA ASN A 344 36.65 22.54 18.66
C ASN A 344 36.99 24.01 18.75
N LYS A 345 37.86 24.44 17.85
CA LYS A 345 38.43 25.78 17.95
C LYS A 345 37.49 26.87 17.43
N SER A 346 37.04 26.70 16.19
CA SER A 346 36.24 27.73 15.53
C SER A 346 34.76 27.67 15.92
N ASN A 347 34.18 28.85 16.19
CA ASN A 347 32.77 28.95 16.57
C ASN A 347 31.89 29.30 15.37
N GLY A 350 27.07 26.61 16.09
CA GLY A 350 27.01 26.50 17.53
C GLY A 350 27.49 25.18 18.11
N ASN A 351 27.87 25.21 19.39
CA ASN A 351 28.28 24.01 20.11
C ASN A 351 27.40 22.82 19.76
N ARG A 352 28.02 21.65 19.62
CA ARG A 352 27.31 20.48 19.13
C ARG A 352 27.00 19.43 20.20
N HIS A 353 28.06 18.91 20.83
CA HIS A 353 27.90 17.88 21.85
C HIS A 353 27.21 16.66 21.27
N LEU A 354 27.24 16.50 19.95
CA LEU A 354 26.59 15.37 19.34
C LEU A 354 27.16 14.08 19.90
N ALA A 355 26.31 13.07 20.04
CA ALA A 355 26.73 11.80 20.61
C ALA A 355 27.69 11.05 19.70
N SER A 356 27.59 11.28 18.40
CA SER A 356 28.46 10.61 17.44
C SER A 356 29.88 11.13 17.53
N VAL A 357 30.02 12.43 17.79
CA VAL A 357 31.34 13.02 17.99
C VAL A 357 31.89 12.63 19.35
N GLU A 358 31.01 12.62 20.35
CA GLU A 358 31.39 12.21 21.70
C GLU A 358 31.93 10.78 21.70
N LYS A 359 31.30 9.93 20.88
CA LYS A 359 31.69 8.53 20.80
C LYS A 359 33.04 8.39 20.12
N LEU A 360 33.20 9.07 18.98
CA LEU A 360 34.46 9.06 18.25
C LEU A 360 35.59 9.69 19.10
N ALA A 361 35.26 10.75 19.85
CA ALA A 361 36.22 11.46 20.72
C ALA A 361 36.88 10.50 21.70
N ALA A 362 36.08 9.93 22.59
CA ALA A 362 36.58 9.07 23.65
C ALA A 362 37.32 7.84 23.12
N LEU A 363 36.71 7.14 22.17
CA LEU A 363 37.28 5.90 21.66
C LEU A 363 38.60 6.12 20.92
N VAL A 364 38.89 7.37 20.60
CA VAL A 364 40.19 7.73 20.05
C VAL A 364 41.19 7.95 21.18
N GLU A 365 40.78 8.73 22.18
CA GLU A 365 41.60 8.99 23.35
C GLU A 365 41.95 7.70 24.08
N SER C 5 -26.81 28.82 -25.97
CA SER C 5 -28.04 28.80 -26.76
C SER C 5 -29.13 29.68 -26.16
N PRO C 6 -29.91 30.35 -27.02
CA PRO C 6 -30.95 31.36 -26.71
C PRO C 6 -31.97 30.91 -25.66
N LEU C 7 -32.50 29.69 -25.81
CA LEU C 7 -33.47 29.17 -24.85
C LEU C 7 -32.90 29.08 -23.44
N LEU C 8 -31.66 28.58 -23.34
CA LEU C 8 -30.95 28.53 -22.07
C LEU C 8 -30.78 29.91 -21.44
N GLU C 9 -30.55 30.91 -22.29
CA GLU C 9 -30.42 32.28 -21.83
C GLU C 9 -31.78 32.84 -21.42
N GLN C 10 -32.82 32.48 -22.17
CA GLN C 10 -34.18 32.88 -21.82
C GLN C 10 -34.62 32.24 -20.51
N LEU C 11 -33.88 31.22 -20.09
CA LEU C 11 -34.17 30.52 -18.86
C LEU C 11 -33.52 31.22 -17.67
N ARG C 12 -32.21 31.42 -17.76
CA ARG C 12 -31.43 31.98 -16.65
C ARG C 12 -31.74 33.44 -16.36
N ASN C 13 -31.78 34.26 -17.39
CA ASN C 13 -32.03 35.71 -17.26
C ASN C 13 -33.51 36.02 -17.05
N SER C 14 -34.27 35.04 -16.58
CA SER C 14 -35.68 35.22 -16.33
C SER C 14 -36.08 34.64 -14.98
N SER C 15 -35.38 33.58 -14.58
CA SER C 15 -35.64 32.95 -13.29
C SER C 15 -35.23 33.87 -12.14
N SER C 22 -44.76 33.60 -15.84
CA SER C 22 -44.20 33.99 -17.13
C SER C 22 -42.94 33.16 -17.42
N ASN C 23 -42.78 32.07 -16.67
CA ASN C 23 -41.68 31.15 -16.86
C ASN C 23 -41.91 30.24 -18.06
N MET C 24 -40.88 29.48 -18.44
CA MET C 24 -41.02 28.48 -19.49
C MET C 24 -41.62 27.19 -18.93
N SER C 25 -41.96 26.28 -19.84
CA SER C 25 -42.37 24.94 -19.47
C SER C 25 -41.78 23.99 -20.48
N LEU C 26 -41.97 22.70 -20.25
CA LEU C 26 -41.38 21.67 -21.09
C LEU C 26 -41.73 21.77 -22.57
N LYS C 27 -42.89 22.36 -22.87
CA LYS C 27 -43.33 22.47 -24.25
C LYS C 27 -42.52 23.52 -25.01
N ASP C 28 -41.83 24.38 -24.27
CA ASP C 28 -41.06 25.47 -24.86
C ASP C 28 -39.68 25.00 -25.38
N ILE C 29 -39.25 23.82 -24.97
CA ILE C 29 -37.91 23.37 -25.27
C ILE C 29 -37.85 22.18 -26.23
N PHE C 30 -38.95 21.88 -26.92
CA PHE C 30 -38.98 20.70 -27.78
C PHE C 30 -37.81 20.62 -28.77
N GLY C 31 -37.16 21.76 -29.03
CA GLY C 31 -36.00 21.72 -29.89
C GLY C 31 -34.78 21.11 -29.22
N HIS C 32 -34.60 21.42 -27.94
CA HIS C 32 -33.29 21.36 -27.31
C HIS C 32 -33.22 20.66 -25.97
N SER C 33 -33.86 19.50 -25.87
CA SER C 33 -33.94 18.78 -24.61
C SER C 33 -32.59 18.24 -24.13
N LEU C 34 -31.90 17.53 -25.02
CA LEU C 34 -30.60 16.95 -24.72
C LEU C 34 -29.64 18.02 -24.24
N GLU C 35 -29.67 19.18 -24.89
CA GLU C 35 -28.80 20.29 -24.51
C GLU C 35 -29.27 20.96 -23.23
N PHE C 36 -30.55 20.78 -22.89
CA PHE C 36 -31.03 21.26 -21.59
C PHE C 36 -30.60 20.33 -20.49
N CYS C 37 -30.58 19.04 -20.80
CA CYS C 37 -30.22 18.02 -19.83
C CYS C 37 -28.74 18.06 -19.48
N LYS C 38 -27.91 18.45 -20.44
CA LYS C 38 -26.47 18.41 -20.20
C LYS C 38 -25.98 19.69 -19.54
N ASP C 39 -26.92 20.59 -19.29
CA ASP C 39 -26.58 21.88 -18.71
C ASP C 39 -27.09 21.89 -17.28
N GLN C 40 -26.31 22.43 -16.35
CA GLN C 40 -26.72 22.33 -14.94
C GLN C 40 -28.10 22.94 -14.69
N HIS C 41 -28.27 24.18 -15.15
CA HIS C 41 -29.50 24.93 -14.90
C HIS C 41 -30.67 24.37 -15.69
N GLY C 42 -30.45 24.13 -16.98
CA GLY C 42 -31.43 23.43 -17.78
C GLY C 42 -31.90 22.16 -17.09
N SER C 43 -30.95 21.38 -16.57
CA SER C 43 -31.24 20.10 -15.92
C SER C 43 -32.15 20.23 -14.69
N ARG C 44 -31.79 21.12 -13.75
CA ARG C 44 -32.61 21.31 -12.56
C ARG C 44 -34.02 21.78 -12.95
N PHE C 45 -34.09 22.55 -14.04
CA PHE C 45 -35.38 22.96 -14.58
C PHE C 45 -36.19 21.74 -14.99
N ILE C 46 -35.60 20.85 -15.80
CA ILE C 46 -36.34 19.70 -16.28
C ILE C 46 -36.75 18.78 -15.13
N GLN C 47 -35.84 18.62 -14.17
CA GLN C 47 -36.12 17.79 -13.01
C GLN C 47 -37.38 18.28 -12.29
N ARG C 48 -37.47 19.59 -12.16
CA ARG C 48 -38.55 20.25 -11.44
C ARG C 48 -39.88 20.09 -12.20
N GLU C 49 -39.86 20.32 -13.51
CA GLU C 49 -41.04 20.18 -14.34
C GLU C 49 -41.55 18.74 -14.42
N LEU C 50 -40.64 17.78 -14.42
CA LEU C 50 -41.02 16.36 -14.51
C LEU C 50 -41.84 15.88 -13.31
N ALA C 51 -41.66 16.53 -12.17
CA ALA C 51 -42.37 16.13 -10.96
C ALA C 51 -43.83 16.59 -11.00
N THR C 52 -44.14 17.55 -11.85
CA THR C 52 -45.49 18.13 -11.83
C THR C 52 -46.18 18.21 -13.19
N SER C 53 -45.48 17.80 -14.25
CA SER C 53 -46.03 17.88 -15.60
C SER C 53 -46.97 16.73 -15.96
N PRO C 54 -48.02 17.02 -16.74
CA PRO C 54 -48.95 15.98 -17.21
C PRO C 54 -48.23 14.97 -18.11
N ALA C 55 -48.82 13.81 -18.31
CA ALA C 55 -48.21 12.75 -19.12
C ALA C 55 -47.77 13.26 -20.48
N SER C 56 -48.56 14.14 -21.09
CA SER C 56 -48.26 14.58 -22.44
C SER C 56 -46.90 15.26 -22.52
N GLU C 57 -46.61 16.14 -21.56
CA GLU C 57 -45.36 16.87 -21.58
C GLU C 57 -44.20 15.97 -21.23
N LYS C 58 -44.43 15.01 -20.35
CA LYS C 58 -43.39 14.05 -20.06
C LYS C 58 -43.06 13.20 -21.30
N GLU C 59 -44.10 12.73 -21.99
CA GLU C 59 -43.89 11.96 -23.22
C GLU C 59 -43.03 12.70 -24.22
N VAL C 60 -43.31 13.98 -24.41
CA VAL C 60 -42.61 14.73 -25.43
C VAL C 60 -41.12 14.85 -25.13
N ILE C 61 -40.78 15.17 -23.89
CA ILE C 61 -39.39 15.17 -23.45
C ILE C 61 -38.75 13.79 -23.61
N PHE C 62 -39.43 12.75 -23.12
CA PHE C 62 -38.86 11.41 -23.15
C PHE C 62 -38.59 10.89 -24.55
N ASN C 63 -39.58 11.02 -25.44
CA ASN C 63 -39.45 10.49 -26.79
C ASN C 63 -38.36 11.22 -27.54
N GLU C 64 -38.01 12.39 -27.03
CA GLU C 64 -36.96 13.19 -27.63
C GLU C 64 -35.56 12.75 -27.17
N ILE C 65 -35.40 12.45 -25.90
CA ILE C 65 -34.08 12.16 -25.36
C ILE C 65 -33.83 10.67 -25.16
N ARG C 66 -34.78 9.82 -25.50
CA ARG C 66 -34.65 8.40 -25.17
C ARG C 66 -33.45 7.74 -25.83
N ASP C 67 -33.18 8.10 -27.08
CA ASP C 67 -32.08 7.48 -27.79
C ASP C 67 -30.74 7.85 -27.18
N ASP C 68 -30.71 8.92 -26.39
CA ASP C 68 -29.49 9.37 -25.74
C ASP C 68 -29.50 9.13 -24.24
N ALA C 69 -30.29 8.14 -23.82
CA ALA C 69 -30.45 7.82 -22.40
C ALA C 69 -29.14 7.36 -21.76
N ILE C 70 -28.45 6.43 -22.43
CA ILE C 70 -27.14 5.95 -21.96
C ILE C 70 -26.18 7.10 -21.72
N GLU C 71 -26.03 7.96 -22.71
CA GLU C 71 -25.15 9.13 -22.61
C GLU C 71 -25.55 10.05 -21.45
N LEU C 72 -26.82 10.38 -21.37
CA LEU C 72 -27.31 11.21 -20.27
C LEU C 72 -27.05 10.53 -18.93
N SER C 73 -27.26 9.22 -18.89
CA SER C 73 -26.97 8.47 -17.66
C SER C 73 -25.54 8.70 -17.18
N ASN C 74 -24.61 8.84 -18.14
CA ASN C 74 -23.21 9.10 -17.82
C ASN C 74 -22.87 10.56 -17.56
N ASP C 75 -23.80 11.46 -17.82
CA ASP C 75 -23.49 12.88 -17.74
C ASP C 75 -23.70 13.44 -16.35
N VAL C 76 -22.81 14.34 -15.95
CA VAL C 76 -22.85 15.00 -14.64
C VAL C 76 -24.16 15.67 -14.25
N PHE C 77 -24.85 16.24 -15.22
CA PHE C 77 -26.10 16.93 -14.95
C PHE C 77 -27.28 16.17 -15.52
N GLY C 78 -27.05 15.39 -16.57
CA GLY C 78 -28.11 14.66 -17.21
C GLY C 78 -28.56 13.43 -16.43
N ASN C 79 -27.74 12.98 -15.49
CA ASN C 79 -28.08 11.71 -14.84
C ASN C 79 -29.33 11.85 -13.97
N TYR C 80 -29.55 13.06 -13.43
CA TYR C 80 -30.74 13.33 -12.64
C TYR C 80 -32.03 13.24 -13.45
N VAL C 81 -31.96 13.62 -14.72
CA VAL C 81 -33.14 13.65 -15.56
C VAL C 81 -33.55 12.23 -15.88
N ILE C 82 -32.57 11.37 -16.14
CA ILE C 82 -32.88 9.95 -16.30
C ILE C 82 -33.49 9.34 -15.02
N GLN C 83 -32.92 9.66 -13.87
CA GLN C 83 -33.49 9.23 -12.60
C GLN C 83 -34.96 9.67 -12.41
N LYS C 84 -35.29 10.89 -12.83
CA LYS C 84 -36.66 11.39 -12.67
C LYS C 84 -37.60 10.62 -13.56
N PHE C 85 -37.09 10.06 -14.65
CA PHE C 85 -37.95 9.20 -15.44
C PHE C 85 -38.29 7.86 -14.78
N PHE C 86 -37.44 7.39 -13.87
CA PHE C 86 -37.77 6.20 -13.11
C PHE C 86 -38.73 6.53 -11.97
N GLU C 87 -38.59 7.72 -11.40
CA GLU C 87 -39.45 8.22 -10.33
C GLU C 87 -40.84 8.69 -10.82
N PHE C 88 -40.90 9.41 -11.94
CA PHE C 88 -42.14 10.02 -12.38
C PHE C 88 -42.57 9.47 -13.73
N GLY C 89 -41.88 8.46 -14.22
CA GLY C 89 -42.20 7.93 -15.52
C GLY C 89 -43.31 6.90 -15.54
N SER C 90 -43.79 6.61 -16.74
CA SER C 90 -44.74 5.53 -16.95
C SER C 90 -44.03 4.18 -17.15
N LYS C 91 -44.80 3.12 -16.96
CA LYS C 91 -44.30 1.77 -17.14
C LYS C 91 -43.60 1.64 -18.49
N ILE C 92 -44.32 2.04 -19.53
CA ILE C 92 -43.79 2.04 -20.89
C ILE C 92 -42.43 2.73 -20.94
N GLN C 93 -42.30 3.86 -20.25
CA GLN C 93 -41.04 4.61 -20.28
C GLN C 93 -39.93 3.93 -19.47
N LYS C 94 -40.28 3.39 -18.31
CA LYS C 94 -39.34 2.69 -17.48
C LYS C 94 -38.84 1.43 -18.19
N ASN C 95 -39.75 0.70 -18.82
CA ASN C 95 -39.39 -0.51 -19.57
C ASN C 95 -38.39 -0.19 -20.68
N THR C 96 -38.60 0.95 -21.33
CA THR C 96 -37.74 1.36 -22.43
C THR C 96 -36.31 1.64 -22.00
N LEU C 97 -36.16 2.34 -20.87
CA LEU C 97 -34.84 2.63 -20.32
C LEU C 97 -34.16 1.33 -19.89
N VAL C 98 -34.91 0.47 -19.19
CA VAL C 98 -34.37 -0.82 -18.76
C VAL C 98 -33.83 -1.59 -19.96
N ASP C 99 -34.59 -1.63 -21.05
CA ASP C 99 -34.17 -2.36 -22.23
C ASP C 99 -32.93 -1.74 -22.86
N GLN C 100 -32.63 -0.50 -22.52
CA GLN C 100 -31.37 0.10 -22.94
C GLN C 100 -30.24 -0.19 -21.97
N PHE C 101 -30.57 -0.73 -20.79
CA PHE C 101 -29.55 -1.07 -19.80
C PHE C 101 -29.09 -2.50 -19.98
N LYS C 102 -30.01 -3.39 -20.39
CA LYS C 102 -29.67 -4.77 -20.72
C LYS C 102 -28.38 -4.91 -21.57
N GLY C 103 -27.45 -5.70 -21.07
CA GLY C 103 -26.18 -5.90 -21.74
C GLY C 103 -25.14 -4.86 -21.35
N ASN C 104 -25.57 -3.87 -20.57
CA ASN C 104 -24.69 -2.77 -20.18
C ASN C 104 -24.57 -2.55 -18.68
N MET C 105 -25.14 -3.45 -17.89
CA MET C 105 -25.11 -3.29 -16.45
C MET C 105 -23.73 -3.00 -15.88
N LYS C 106 -22.76 -3.87 -16.19
CA LYS C 106 -21.43 -3.75 -15.60
C LYS C 106 -20.80 -2.39 -15.88
N GLN C 107 -20.87 -1.98 -17.14
CA GLN C 107 -20.27 -0.73 -17.56
C GLN C 107 -20.93 0.46 -16.83
N LEU C 108 -22.26 0.50 -16.86
CA LEU C 108 -23.00 1.56 -16.19
C LEU C 108 -22.71 1.56 -14.69
N SER C 109 -22.64 0.37 -14.12
CA SER C 109 -22.45 0.25 -12.67
C SER C 109 -21.09 0.78 -12.24
N LEU C 110 -20.13 0.77 -13.16
CA LEU C 110 -18.77 1.22 -12.83
C LEU C 110 -18.54 2.73 -13.10
N GLN C 111 -19.46 3.35 -13.82
CA GLN C 111 -19.35 4.78 -14.14
C GLN C 111 -19.83 5.65 -12.97
N MET C 112 -19.16 6.75 -12.74
CA MET C 112 -19.42 7.61 -11.59
C MET C 112 -20.86 8.12 -11.54
N TYR C 113 -21.45 8.43 -12.69
CA TYR C 113 -22.77 9.02 -12.74
C TYR C 113 -23.88 8.02 -13.06
N ALA C 114 -23.66 7.20 -14.08
CA ALA C 114 -24.61 6.15 -14.40
C ALA C 114 -24.87 5.17 -13.26
N CYS C 115 -23.93 4.97 -12.34
CA CYS C 115 -24.23 4.06 -11.22
C CYS C 115 -25.36 4.65 -10.34
N ARG C 116 -25.49 5.97 -10.34
CA ARG C 116 -26.56 6.63 -9.59
C ARG C 116 -27.92 6.35 -10.24
N VAL C 117 -27.90 6.21 -11.56
CA VAL C 117 -29.12 5.96 -12.31
C VAL C 117 -29.52 4.53 -12.10
N ILE C 118 -28.55 3.63 -12.17
CA ILE C 118 -28.77 2.22 -11.90
C ILE C 118 -29.32 2.01 -10.49
N GLN C 119 -28.76 2.72 -9.52
CA GLN C 119 -29.24 2.63 -8.13
C GLN C 119 -30.70 3.11 -7.97
N LYS C 120 -31.05 4.18 -8.67
CA LYS C 120 -32.41 4.71 -8.64
C LYS C 120 -33.36 3.74 -9.33
N ALA C 121 -32.89 3.11 -10.41
CA ALA C 121 -33.73 2.22 -11.19
C ALA C 121 -34.14 0.99 -10.38
N LEU C 122 -33.20 0.42 -9.63
CA LEU C 122 -33.48 -0.77 -8.80
C LEU C 122 -34.62 -0.50 -7.81
N GLU C 123 -34.65 0.71 -7.28
CA GLU C 123 -35.71 1.17 -6.41
C GLU C 123 -37.07 1.20 -7.09
N TYR C 124 -37.12 1.45 -8.41
CA TYR C 124 -38.42 1.75 -9.03
C TYR C 124 -38.99 0.73 -10.02
N ILE C 125 -38.16 -0.16 -10.56
CA ILE C 125 -38.64 -1.11 -11.56
C ILE C 125 -39.25 -2.37 -10.94
N ASP C 126 -39.81 -3.24 -11.77
CA ASP C 126 -40.48 -4.41 -11.19
C ASP C 126 -39.48 -5.51 -10.80
N SER C 127 -39.87 -6.31 -9.83
CA SER C 127 -38.96 -7.23 -9.16
C SER C 127 -38.18 -8.06 -10.16
N ASN C 128 -38.86 -8.46 -11.24
CA ASN C 128 -38.24 -9.30 -12.26
C ASN C 128 -37.17 -8.58 -13.06
N GLN C 129 -37.38 -7.29 -13.29
CA GLN C 129 -36.41 -6.49 -14.01
C GLN C 129 -35.16 -6.26 -13.17
N ARG C 130 -35.36 -6.11 -11.86
CA ARG C 130 -34.21 -5.96 -10.95
C ARG C 130 -33.24 -7.13 -11.07
N ILE C 131 -33.76 -8.34 -10.93
CA ILE C 131 -32.90 -9.51 -10.90
C ILE C 131 -32.27 -9.73 -12.29
N GLU C 132 -33.06 -9.45 -13.32
CA GLU C 132 -32.63 -9.57 -14.69
C GLU C 132 -31.39 -8.72 -14.95
N LEU C 133 -31.41 -7.47 -14.50
CA LEU C 133 -30.26 -6.58 -14.59
C LEU C 133 -29.09 -7.01 -13.72
N VAL C 134 -29.39 -7.38 -12.47
CA VAL C 134 -28.32 -7.71 -11.53
C VAL C 134 -27.59 -8.98 -11.94
N LEU C 135 -28.30 -9.92 -12.58
CA LEU C 135 -27.69 -11.17 -13.04
C LEU C 135 -26.45 -10.94 -13.93
N GLU C 136 -26.35 -9.74 -14.49
CA GLU C 136 -25.27 -9.42 -15.40
C GLU C 136 -23.99 -9.18 -14.61
N LEU C 137 -24.12 -9.10 -13.29
CA LEU C 137 -22.97 -8.86 -12.43
C LEU C 137 -22.57 -10.15 -11.73
N SER C 138 -23.19 -11.26 -12.13
CA SER C 138 -23.01 -12.53 -11.44
C SER C 138 -21.57 -13.06 -11.39
N ASP C 139 -20.72 -12.62 -12.31
CA ASP C 139 -19.33 -13.10 -12.38
C ASP C 139 -18.34 -12.03 -12.02
N SER C 140 -18.84 -10.91 -11.49
CA SER C 140 -18.00 -9.73 -11.31
C SER C 140 -18.18 -9.16 -9.92
N VAL C 141 -18.76 -9.98 -9.06
CA VAL C 141 -19.12 -9.56 -7.71
C VAL C 141 -17.95 -8.99 -6.92
N LEU C 142 -16.86 -9.74 -6.81
CA LEU C 142 -15.67 -9.25 -6.11
C LEU C 142 -15.17 -7.94 -6.72
N GLN C 143 -15.09 -7.88 -8.03
CA GLN C 143 -14.74 -6.63 -8.69
C GLN C 143 -15.73 -5.51 -8.33
N MET C 144 -17.03 -5.83 -8.30
CA MET C 144 -18.04 -4.81 -7.99
C MET C 144 -17.88 -4.23 -6.57
N ILE C 145 -17.59 -5.10 -5.60
CA ILE C 145 -17.48 -4.69 -4.21
C ILE C 145 -16.25 -3.82 -3.99
N LYS C 146 -15.23 -4.01 -4.79
CA LYS C 146 -14.00 -3.25 -4.61
C LYS C 146 -14.05 -1.91 -5.33
N ASP C 147 -15.00 -1.78 -6.26
CA ASP C 147 -15.14 -0.55 -7.02
C ASP C 147 -15.83 0.55 -6.23
N GLN C 148 -15.27 1.75 -6.31
CA GLN C 148 -15.84 2.95 -5.69
C GLN C 148 -17.31 3.19 -6.06
N ASN C 149 -17.72 2.80 -7.27
CA ASN C 149 -19.11 2.98 -7.73
C ASN C 149 -19.94 1.69 -7.61
N GLY C 150 -19.33 0.55 -7.92
CA GLY C 150 -20.05 -0.70 -7.97
C GLY C 150 -20.44 -1.27 -6.61
N ASN C 151 -19.77 -0.86 -5.53
CA ASN C 151 -20.12 -1.42 -4.24
C ASN C 151 -21.50 -0.94 -3.81
N HIS C 152 -21.88 0.24 -4.27
CA HIS C 152 -23.18 0.81 -3.93
C HIS C 152 -24.31 0.13 -4.69
N VAL C 153 -23.99 -0.36 -5.88
CA VAL C 153 -24.95 -1.09 -6.69
C VAL C 153 -25.23 -2.43 -6.07
N ILE C 154 -24.16 -3.09 -5.65
CA ILE C 154 -24.25 -4.35 -4.92
C ILE C 154 -25.11 -4.20 -3.68
N GLN C 155 -24.83 -3.17 -2.88
CA GLN C 155 -25.60 -2.97 -1.65
C GLN C 155 -27.07 -2.76 -1.97
N LYS C 156 -27.33 -1.98 -3.02
CA LYS C 156 -28.70 -1.65 -3.39
C LYS C 156 -29.41 -2.86 -3.96
N ALA C 157 -28.66 -3.70 -4.66
CA ALA C 157 -29.19 -5.00 -5.10
C ALA C 157 -29.55 -5.87 -3.90
N ILE C 158 -28.69 -5.92 -2.90
CA ILE C 158 -29.05 -6.65 -1.67
C ILE C 158 -30.32 -6.11 -0.96
N GLU C 159 -30.48 -4.79 -0.96
CA GLU C 159 -31.60 -4.16 -0.27
C GLU C 159 -32.92 -4.34 -1.01
N THR C 160 -32.85 -4.46 -2.34
CA THR C 160 -34.04 -4.48 -3.16
C THR C 160 -34.46 -5.87 -3.66
N ILE C 161 -33.56 -6.84 -3.59
CA ILE C 161 -33.87 -8.17 -4.12
C ILE C 161 -33.72 -9.24 -3.03
N PRO C 162 -34.68 -10.18 -2.96
CA PRO C 162 -34.63 -11.27 -1.96
C PRO C 162 -33.39 -12.11 -2.14
N ILE C 163 -32.64 -12.28 -1.06
CA ILE C 163 -31.33 -12.94 -1.12
C ILE C 163 -31.38 -14.32 -1.77
N GLU C 164 -32.50 -15.01 -1.62
CA GLU C 164 -32.72 -16.29 -2.29
C GLU C 164 -32.54 -16.16 -3.81
N LYS C 165 -32.83 -14.98 -4.37
CA LYS C 165 -32.61 -14.77 -5.79
C LYS C 165 -31.17 -14.37 -6.13
N LEU C 166 -30.34 -14.21 -5.10
CA LEU C 166 -28.96 -13.74 -5.25
C LEU C 166 -27.89 -14.70 -4.71
N PRO C 167 -27.94 -15.99 -5.10
CA PRO C 167 -26.99 -16.95 -4.49
C PRO C 167 -25.55 -16.64 -4.85
N PHE C 168 -25.35 -16.08 -6.04
CA PHE C 168 -24.02 -15.84 -6.60
C PHE C 168 -23.23 -14.76 -5.85
N ILE C 169 -23.90 -14.04 -4.96
CA ILE C 169 -23.17 -13.04 -4.18
C ILE C 169 -22.27 -13.72 -3.16
N LEU C 170 -22.87 -14.43 -2.21
CA LEU C 170 -22.09 -15.10 -1.17
C LEU C 170 -21.19 -16.20 -1.73
N SER C 171 -21.72 -16.95 -2.69
CA SER C 171 -20.94 -18.03 -3.30
C SER C 171 -19.64 -17.50 -3.92
N SER C 172 -19.63 -16.22 -4.29
CA SER C 172 -18.44 -15.59 -4.86
C SER C 172 -17.51 -15.06 -3.76
N LEU C 173 -18.03 -14.96 -2.55
CA LEU C 173 -17.27 -14.35 -1.46
C LEU C 173 -16.55 -15.35 -0.58
N THR C 174 -16.99 -16.60 -0.56
CA THR C 174 -16.40 -17.57 0.37
C THR C 174 -14.89 -17.67 0.18
N GLY C 175 -14.16 -17.56 1.29
CA GLY C 175 -12.71 -17.46 1.24
C GLY C 175 -12.23 -16.02 1.32
N HIS C 176 -13.11 -15.07 1.02
CA HIS C 176 -12.70 -13.68 0.98
C HIS C 176 -13.32 -12.85 2.08
N ILE C 177 -14.15 -13.49 2.90
CA ILE C 177 -14.99 -12.75 3.84
C ILE C 177 -14.20 -11.98 4.92
N TYR C 178 -13.12 -12.55 5.44
CA TYR C 178 -12.31 -11.80 6.40
C TYR C 178 -11.69 -10.59 5.72
N HIS C 179 -11.05 -10.84 4.58
CA HIS C 179 -10.44 -9.77 3.81
C HIS C 179 -11.44 -8.63 3.60
N LEU C 180 -12.61 -8.96 3.09
CA LEU C 180 -13.65 -7.96 2.81
C LEU C 180 -14.08 -7.21 4.07
N SER C 181 -14.07 -7.89 5.21
CA SER C 181 -14.54 -7.31 6.47
C SER C 181 -13.60 -6.28 7.03
N THR C 182 -12.37 -6.23 6.50
CA THR C 182 -11.39 -5.20 6.86
C THR C 182 -11.16 -4.18 5.74
N HIS C 183 -11.86 -4.37 4.62
CA HIS C 183 -11.84 -3.40 3.54
C HIS C 183 -12.95 -2.35 3.75
N SER C 184 -12.72 -1.16 3.23
CA SER C 184 -13.65 -0.04 3.38
C SER C 184 -15.06 -0.31 2.83
N TYR C 185 -15.15 -0.92 1.67
CA TYR C 185 -16.43 -1.22 1.05
C TYR C 185 -16.92 -2.59 1.48
N GLY C 186 -15.99 -3.52 1.63
CA GLY C 186 -16.31 -4.90 1.94
C GLY C 186 -17.07 -5.00 3.24
N CYS C 187 -16.86 -4.08 4.17
CA CYS C 187 -17.52 -4.18 5.46
C CYS C 187 -18.98 -3.74 5.38
N ARG C 188 -19.26 -2.81 4.47
CA ARG C 188 -20.63 -2.37 4.21
C ARG C 188 -21.46 -3.49 3.60
N VAL C 189 -20.87 -4.16 2.61
CA VAL C 189 -21.56 -5.27 1.97
C VAL C 189 -21.76 -6.38 2.98
N ILE C 190 -20.71 -6.71 3.74
CA ILE C 190 -20.83 -7.74 4.77
C ILE C 190 -21.99 -7.41 5.72
N GLN C 191 -22.04 -6.16 6.18
CA GLN C 191 -23.11 -5.70 7.02
C GLN C 191 -24.49 -5.90 6.36
N ARG C 192 -24.59 -5.67 5.06
CA ARG C 192 -25.86 -5.91 4.37
C ARG C 192 -26.17 -7.39 4.25
N LEU C 193 -25.18 -8.19 3.85
CA LEU C 193 -25.40 -9.61 3.70
C LEU C 193 -25.90 -10.22 5.01
N LEU C 194 -25.31 -9.80 6.12
CA LEU C 194 -25.80 -10.23 7.43
C LEU C 194 -27.25 -9.77 7.73
N GLU C 195 -27.55 -8.51 7.48
CA GLU C 195 -28.88 -7.97 7.79
C GLU C 195 -29.99 -8.66 6.97
N PHE C 196 -29.74 -8.88 5.69
CA PHE C 196 -30.73 -9.41 4.76
C PHE C 196 -30.59 -10.90 4.47
N GLY C 197 -29.51 -11.51 4.97
CA GLY C 197 -29.23 -12.90 4.65
C GLY C 197 -30.07 -13.91 5.42
N SER C 198 -30.23 -15.09 4.83
CA SER C 198 -30.86 -16.22 5.52
C SER C 198 -29.97 -16.64 6.70
N SER C 199 -30.56 -17.37 7.65
CA SER C 199 -29.79 -17.87 8.78
C SER C 199 -28.54 -18.63 8.33
N GLU C 200 -28.63 -19.33 7.20
CA GLU C 200 -27.51 -20.11 6.69
C GLU C 200 -26.42 -19.20 6.14
N ASP C 201 -26.82 -18.18 5.39
CA ASP C 201 -25.88 -17.18 4.89
C ASP C 201 -25.10 -16.58 6.05
N GLN C 202 -25.80 -16.19 7.11
CA GLN C 202 -25.17 -15.61 8.28
C GLN C 202 -24.19 -16.58 8.92
N GLU C 203 -24.53 -17.87 8.89
CA GLU C 203 -23.65 -18.89 9.43
C GLU C 203 -22.36 -18.96 8.60
N SER C 204 -22.53 -19.00 7.29
CA SER C 204 -21.40 -19.08 6.36
C SER C 204 -20.45 -17.89 6.52
N ILE C 205 -20.99 -16.75 6.92
CA ILE C 205 -20.20 -15.54 7.05
C ILE C 205 -19.50 -15.49 8.40
N LEU C 206 -20.24 -15.84 9.43
CA LEU C 206 -19.73 -15.78 10.80
C LEU C 206 -18.67 -16.83 11.07
N ASN C 207 -18.72 -17.91 10.31
CA ASN C 207 -17.70 -18.97 10.39
C ASN C 207 -16.32 -18.53 9.90
N GLU C 208 -16.28 -17.66 8.89
CA GLU C 208 -15.02 -17.15 8.38
C GLU C 208 -14.46 -16.02 9.26
N LEU C 209 -15.24 -15.59 10.24
CA LEU C 209 -14.84 -14.47 11.10
C LEU C 209 -14.53 -14.94 12.54
N LYS C 210 -15.09 -16.07 12.93
CA LYS C 210 -15.06 -16.45 14.34
C LYS C 210 -13.68 -16.87 14.85
N ASP C 211 -12.68 -16.90 13.97
CA ASP C 211 -11.31 -17.20 14.38
C ASP C 211 -10.44 -15.94 14.44
N PHE C 212 -11.06 -14.79 14.18
CA PHE C 212 -10.30 -13.55 14.00
C PHE C 212 -10.85 -12.34 14.73
N ILE C 213 -11.70 -12.57 15.73
CA ILE C 213 -12.35 -11.47 16.45
C ILE C 213 -11.37 -10.44 17.01
N PRO C 214 -10.25 -10.91 17.57
CA PRO C 214 -9.21 -9.96 18.01
C PRO C 214 -8.75 -9.00 16.92
N TYR C 215 -8.55 -9.48 15.69
CA TYR C 215 -8.08 -8.57 14.64
C TYR C 215 -9.21 -7.63 14.23
N LEU C 216 -10.39 -8.19 14.05
CA LEU C 216 -11.56 -7.40 13.67
C LEU C 216 -11.85 -6.27 14.66
N ILE C 217 -11.81 -6.59 15.96
CA ILE C 217 -12.12 -5.58 16.97
C ILE C 217 -11.24 -4.34 16.87
N GLN C 218 -9.99 -4.53 16.45
CA GLN C 218 -9.01 -3.44 16.43
C GLN C 218 -8.79 -2.81 15.06
N ASP C 219 -9.45 -3.35 14.05
CA ASP C 219 -9.32 -2.83 12.69
C ASP C 219 -10.20 -1.62 12.48
N GLN C 220 -9.76 -0.70 11.62
CA GLN C 220 -10.53 0.51 11.35
C GLN C 220 -11.86 0.30 10.63
N TYR C 221 -12.05 -0.88 10.02
CA TYR C 221 -13.31 -1.18 9.36
C TYR C 221 -14.00 -2.37 10.01
N GLY C 222 -13.23 -3.43 10.26
CA GLY C 222 -13.73 -4.62 10.94
C GLY C 222 -14.48 -4.37 12.24
N ASN C 223 -14.08 -3.33 12.98
CA ASN C 223 -14.75 -3.02 14.25
C ASN C 223 -16.22 -2.63 14.10
N TYR C 224 -16.59 -2.15 12.91
CA TYR C 224 -17.98 -1.87 12.64
C TYR C 224 -18.75 -3.17 12.45
N VAL C 225 -18.13 -4.16 11.82
CA VAL C 225 -18.80 -5.44 11.65
C VAL C 225 -19.05 -6.08 13.02
N ILE C 226 -18.11 -5.88 13.94
CA ILE C 226 -18.23 -6.41 15.30
C ILE C 226 -19.40 -5.72 15.97
N GLN C 227 -19.46 -4.39 15.83
CA GLN C 227 -20.51 -3.60 16.45
C GLN C 227 -21.89 -4.01 15.94
N TYR C 228 -21.99 -4.30 14.65
CA TYR C 228 -23.25 -4.76 14.09
C TYR C 228 -23.68 -6.09 14.70
N VAL C 229 -22.74 -7.01 14.86
CA VAL C 229 -23.04 -8.29 15.53
C VAL C 229 -23.47 -8.08 16.98
N LEU C 230 -22.78 -7.18 17.68
CA LEU C 230 -23.10 -6.89 19.09
C LEU C 230 -24.52 -6.38 19.29
N GLN C 231 -25.02 -5.62 18.33
CA GLN C 231 -26.29 -4.94 18.54
C GLN C 231 -27.48 -5.78 18.10
N GLN C 232 -27.22 -7.00 17.66
CA GLN C 232 -28.29 -7.94 17.38
C GLN C 232 -28.92 -8.40 18.69
N ASP C 233 -30.15 -8.92 18.59
CA ASP C 233 -30.87 -9.43 19.74
C ASP C 233 -30.90 -10.95 19.76
N GLN C 234 -31.17 -11.53 20.92
CA GLN C 234 -31.15 -12.99 21.09
C GLN C 234 -32.35 -13.69 20.45
N PHE C 235 -33.04 -12.97 19.58
CA PHE C 235 -34.12 -13.54 18.81
C PHE C 235 -33.62 -13.99 17.44
N THR C 236 -32.32 -13.76 17.19
CA THR C 236 -31.69 -14.21 15.96
C THR C 236 -31.22 -15.66 16.08
N ASN C 237 -30.35 -16.06 15.17
CA ASN C 237 -29.94 -17.47 15.05
C ASN C 237 -28.96 -17.94 16.13
N LYS C 238 -28.67 -19.24 16.11
CA LYS C 238 -27.76 -19.86 17.07
C LYS C 238 -26.33 -19.34 16.90
N GLU C 239 -26.01 -18.98 15.66
CA GLU C 239 -24.65 -18.56 15.32
C GLU C 239 -24.36 -17.16 15.86
N MET C 240 -25.34 -16.26 15.75
CA MET C 240 -25.19 -14.91 16.29
C MET C 240 -24.93 -14.96 17.80
N VAL C 241 -25.78 -15.68 18.52
CA VAL C 241 -25.66 -15.81 19.96
C VAL C 241 -24.25 -16.28 20.39
N ASP C 242 -23.76 -17.35 19.77
CA ASP C 242 -22.42 -17.82 20.07
C ASP C 242 -21.35 -16.78 19.76
N ILE C 243 -21.42 -16.17 18.58
CA ILE C 243 -20.41 -15.19 18.17
C ILE C 243 -20.48 -13.94 19.05
N LYS C 244 -21.69 -13.57 19.44
CA LYS C 244 -21.84 -12.42 20.33
C LYS C 244 -21.16 -12.69 21.67
N GLN C 245 -21.19 -13.94 22.12
CA GLN C 245 -20.53 -14.33 23.35
C GLN C 245 -19.00 -14.27 23.24
N GLU C 246 -18.43 -14.83 22.16
CA GLU C 246 -16.98 -14.78 21.93
C GLU C 246 -16.46 -13.35 21.82
N ILE C 247 -17.34 -12.43 21.44
CA ILE C 247 -16.92 -11.04 21.32
C ILE C 247 -16.81 -10.48 22.71
N ILE C 248 -17.87 -10.68 23.50
CA ILE C 248 -17.89 -10.28 24.90
C ILE C 248 -16.70 -10.92 25.64
N GLU C 249 -16.55 -12.22 25.49
CA GLU C 249 -15.48 -12.92 26.19
C GLU C 249 -14.14 -12.33 25.81
N THR C 250 -13.97 -12.02 24.52
CA THR C 250 -12.72 -11.46 24.06
C THR C 250 -12.51 -10.05 24.59
N VAL C 251 -13.58 -9.28 24.65
CA VAL C 251 -13.50 -7.92 25.19
C VAL C 251 -13.24 -8.00 26.69
N ALA C 252 -13.84 -8.99 27.34
CA ALA C 252 -13.61 -9.18 28.76
C ALA C 252 -12.11 -9.41 29.04
N ASN C 253 -11.50 -10.31 28.29
CA ASN C 253 -10.07 -10.63 28.47
C ASN C 253 -9.12 -9.45 28.22
N ASN C 254 -9.61 -8.38 27.61
CA ASN C 254 -8.74 -7.28 27.19
C ASN C 254 -9.28 -5.90 27.49
N VAL C 255 -10.20 -5.84 28.45
CA VAL C 255 -11.00 -4.64 28.66
C VAL C 255 -10.18 -3.37 28.63
N VAL C 256 -9.08 -3.37 29.38
CA VAL C 256 -8.32 -2.14 29.51
C VAL C 256 -7.60 -1.74 28.22
N GLU C 257 -6.94 -2.69 27.55
CA GLU C 257 -6.16 -2.37 26.35
C GLU C 257 -7.06 -1.89 25.20
N TYR C 258 -8.20 -2.56 25.02
CA TYR C 258 -9.15 -2.13 24.02
C TYR C 258 -9.70 -0.74 24.31
N SER C 259 -10.07 -0.50 25.56
CA SER C 259 -10.57 0.82 25.97
C SER C 259 -9.60 1.94 25.60
N LYS C 260 -8.31 1.61 25.50
CA LYS C 260 -7.27 2.61 25.22
C LYS C 260 -6.94 2.64 23.73
N HIS C 261 -7.68 1.85 22.98
CA HIS C 261 -7.49 1.70 21.54
C HIS C 261 -8.50 2.57 20.82
N LYS C 262 -8.02 3.38 19.89
CA LYS C 262 -8.87 4.29 19.11
C LYS C 262 -10.11 3.59 18.54
N PHE C 263 -9.90 2.45 17.89
CA PHE C 263 -10.98 1.70 17.24
C PHE C 263 -11.70 0.75 18.20
N ALA C 264 -10.94 0.02 19.00
CA ALA C 264 -11.51 -1.00 19.85
C ALA C 264 -12.31 -0.41 21.02
N SER C 265 -12.02 0.84 21.39
CA SER C 265 -12.78 1.50 22.44
C SER C 265 -14.27 1.59 22.12
N ASN C 266 -14.61 1.77 20.85
CA ASN C 266 -16.01 1.78 20.43
C ASN C 266 -16.66 0.42 20.61
N VAL C 267 -15.90 -0.64 20.41
CA VAL C 267 -16.44 -1.99 20.59
C VAL C 267 -16.71 -2.29 22.06
N VAL C 268 -15.89 -1.73 22.95
CA VAL C 268 -16.16 -1.90 24.38
C VAL C 268 -17.48 -1.21 24.79
N GLU C 269 -17.75 -0.06 24.18
CA GLU C 269 -18.96 0.68 24.49
C GLU C 269 -20.20 -0.08 24.07
N LYS C 270 -20.14 -0.68 22.89
CA LYS C 270 -21.29 -1.42 22.39
C LYS C 270 -21.46 -2.67 23.21
N SER C 271 -20.33 -3.25 23.63
CA SER C 271 -20.35 -4.46 24.45
C SER C 271 -21.22 -4.23 25.66
N ILE C 272 -20.89 -3.20 26.43
CA ILE C 272 -21.58 -2.91 27.67
C ILE C 272 -22.96 -2.30 27.43
N LEU C 273 -23.16 -1.70 26.25
CA LEU C 273 -24.45 -1.12 25.89
C LEU C 273 -25.45 -2.17 25.44
N TYR C 274 -25.02 -3.12 24.61
CA TYR C 274 -25.93 -4.11 24.06
C TYR C 274 -25.80 -5.53 24.60
N GLY C 275 -24.82 -5.76 25.47
CA GLY C 275 -24.66 -7.07 26.05
C GLY C 275 -25.75 -7.38 27.06
N SER C 276 -26.06 -8.67 27.23
CA SER C 276 -27.04 -9.10 28.23
C SER C 276 -26.58 -8.77 29.64
N LYS C 277 -27.46 -8.98 30.60
CA LYS C 277 -27.15 -8.73 32.01
C LYS C 277 -25.80 -9.38 32.36
N ASN C 278 -25.68 -10.68 32.09
CA ASN C 278 -24.50 -11.44 32.45
C ASN C 278 -23.24 -10.98 31.69
N GLN C 279 -23.37 -10.87 30.36
CA GLN C 279 -22.27 -10.43 29.52
C GLN C 279 -21.70 -9.10 30.01
N LYS C 280 -22.59 -8.21 30.46
CA LYS C 280 -22.20 -6.89 30.92
C LYS C 280 -21.43 -6.95 32.23
N ASP C 281 -21.91 -7.79 33.15
CA ASP C 281 -21.29 -7.93 34.46
C ASP C 281 -19.94 -8.60 34.28
N LEU C 282 -19.86 -9.51 33.31
CA LEU C 282 -18.60 -10.15 32.95
C LEU C 282 -17.52 -9.14 32.61
N ILE C 283 -17.91 -8.09 31.90
CA ILE C 283 -16.97 -7.07 31.48
C ILE C 283 -16.64 -6.09 32.60
N ILE C 284 -17.65 -5.71 33.36
CA ILE C 284 -17.48 -4.69 34.38
C ILE C 284 -16.71 -5.24 35.58
N SER C 285 -16.84 -6.55 35.82
CA SER C 285 -16.14 -7.20 36.90
C SER C 285 -14.63 -7.19 36.69
N LYS C 286 -14.19 -6.66 35.55
CA LYS C 286 -12.76 -6.57 35.26
C LYS C 286 -12.23 -5.21 35.71
N ILE C 287 -13.13 -4.25 35.87
CA ILE C 287 -12.72 -2.88 36.18
C ILE C 287 -13.17 -2.44 37.57
N LEU C 288 -14.20 -3.07 38.09
CA LEU C 288 -14.76 -2.71 39.39
C LEU C 288 -13.77 -2.89 40.54
N PRO C 289 -13.56 -1.81 41.32
CA PRO C 289 -12.80 -1.86 42.58
C PRO C 289 -13.47 -2.82 43.54
N ARG C 290 -12.68 -3.67 44.19
CA ARG C 290 -13.22 -4.78 44.97
C ARG C 290 -14.25 -4.38 46.04
N ASP C 291 -14.09 -3.20 46.62
CA ASP C 291 -14.97 -2.76 47.71
C ASP C 291 -14.98 -1.24 47.89
N LYS C 292 -15.78 -0.78 48.85
CA LYS C 292 -15.89 0.65 49.13
C LYS C 292 -14.54 1.30 49.45
N ASN C 293 -13.59 0.48 49.87
CA ASN C 293 -12.29 0.97 50.31
C ASN C 293 -11.32 1.12 49.15
N HIS C 294 -11.15 0.05 48.38
CA HIS C 294 -10.36 0.10 47.16
C HIS C 294 -10.80 1.32 46.36
N ALA C 295 -12.11 1.49 46.25
CA ALA C 295 -12.69 2.58 45.48
C ALA C 295 -12.17 3.93 45.95
N LEU C 296 -12.19 4.16 47.26
CA LEU C 296 -11.75 5.43 47.81
C LEU C 296 -10.25 5.67 47.64
N ASN C 297 -9.49 4.58 47.66
CA ASN C 297 -8.05 4.68 47.50
C ASN C 297 -7.52 3.73 46.42
N LEU C 298 -7.67 4.14 45.17
CA LEU C 298 -7.18 3.34 44.05
C LEU C 298 -5.74 3.67 43.74
N GLU C 299 -5.04 2.76 43.08
CA GLU C 299 -3.66 2.97 42.69
C GLU C 299 -3.60 3.44 41.25
N ASP C 300 -2.52 4.14 40.91
CA ASP C 300 -2.37 4.73 39.58
C ASP C 300 -2.20 3.68 38.49
N ASP C 301 -2.25 2.41 38.86
CA ASP C 301 -2.14 1.32 37.89
C ASP C 301 -3.38 0.42 37.89
N SER C 302 -4.35 0.74 38.73
CA SER C 302 -5.65 0.07 38.69
C SER C 302 -6.37 0.40 37.39
N PRO C 303 -7.08 -0.58 36.82
CA PRO C 303 -7.84 -0.43 35.57
C PRO C 303 -8.56 0.90 35.47
N MET C 304 -9.43 1.20 36.43
CA MET C 304 -10.20 2.44 36.45
C MET C 304 -9.35 3.65 36.17
N ILE C 305 -8.28 3.81 36.93
CA ILE C 305 -7.46 5.01 36.84
C ILE C 305 -6.69 5.11 35.53
N LEU C 306 -6.18 3.98 35.05
CA LEU C 306 -5.53 3.92 33.75
C LEU C 306 -6.52 4.34 32.67
N MET C 307 -7.79 4.02 32.91
CA MET C 307 -8.84 4.32 31.95
C MET C 307 -9.27 5.78 32.00
N ILE C 308 -9.56 6.28 33.20
CA ILE C 308 -9.95 7.69 33.36
C ILE C 308 -8.96 8.66 32.71
N LYS C 309 -7.68 8.29 32.74
CA LYS C 309 -6.63 9.18 32.25
C LYS C 309 -6.38 9.06 30.74
N ASP C 310 -7.00 8.07 30.10
CA ASP C 310 -6.75 7.81 28.69
C ASP C 310 -7.77 8.49 27.77
N GLN C 311 -7.28 8.98 26.64
CA GLN C 311 -8.09 9.73 25.68
C GLN C 311 -9.32 8.96 25.20
N PHE C 312 -9.18 7.65 25.03
CA PHE C 312 -10.29 6.84 24.55
C PHE C 312 -11.06 6.19 25.68
N ALA C 313 -10.33 5.70 26.68
CA ALA C 313 -10.91 4.94 27.79
C ALA C 313 -11.89 5.75 28.63
N ASN C 314 -11.68 7.05 28.73
CA ASN C 314 -12.59 7.90 29.50
C ASN C 314 -14.05 7.81 29.02
N TYR C 315 -14.25 7.58 27.72
CA TYR C 315 -15.61 7.44 27.16
C TYR C 315 -16.24 6.14 27.64
N VAL C 316 -15.44 5.07 27.67
CA VAL C 316 -15.93 3.79 28.15
C VAL C 316 -16.29 3.89 29.63
N ILE C 317 -15.59 4.76 30.36
CA ILE C 317 -15.91 5.00 31.77
C ILE C 317 -17.25 5.73 31.91
N GLN C 318 -17.37 6.85 31.19
CA GLN C 318 -18.64 7.58 31.12
C GLN C 318 -19.79 6.62 30.80
N LYS C 319 -19.60 5.82 29.77
CA LYS C 319 -20.57 4.83 29.34
C LYS C 319 -20.95 3.91 30.50
N LEU C 320 -19.94 3.43 31.23
CA LEU C 320 -20.19 2.52 32.35
C LEU C 320 -21.07 3.17 33.41
N VAL C 321 -20.78 4.43 33.72
CA VAL C 321 -21.61 5.19 34.64
C VAL C 321 -23.10 5.05 34.31
N ASN C 322 -23.44 5.20 33.03
CA ASN C 322 -24.83 5.11 32.57
C ASN C 322 -25.45 3.73 32.64
N VAL C 323 -24.72 2.72 32.13
CA VAL C 323 -25.27 1.38 32.02
C VAL C 323 -25.09 0.56 33.30
N SER C 324 -24.58 1.20 34.35
CA SER C 324 -24.25 0.50 35.58
C SER C 324 -25.44 0.28 36.52
N GLU C 325 -25.53 -0.95 37.03
CA GLU C 325 -26.53 -1.33 38.03
C GLU C 325 -26.11 -0.83 39.41
N GLY C 326 -27.09 -0.69 40.30
CA GLY C 326 -26.89 -0.10 41.61
C GLY C 326 -25.64 -0.47 42.40
N GLU C 327 -25.28 -1.76 42.38
CA GLU C 327 -24.18 -2.22 43.23
C GLU C 327 -22.80 -1.94 42.64
N GLY C 328 -22.69 -2.03 41.31
CA GLY C 328 -21.45 -1.71 40.63
C GLY C 328 -21.35 -0.21 40.41
N LYS C 329 -22.42 0.35 39.85
CA LYS C 329 -22.54 1.80 39.66
C LYS C 329 -22.06 2.54 40.89
N LYS C 330 -22.44 2.01 42.05
CA LYS C 330 -22.06 2.58 43.34
C LYS C 330 -20.55 2.79 43.43
N LEU C 331 -19.81 1.72 43.16
CA LEU C 331 -18.35 1.73 43.31
C LEU C 331 -17.67 2.58 42.24
N ILE C 332 -18.27 2.63 41.06
CA ILE C 332 -17.68 3.36 39.94
C ILE C 332 -17.70 4.87 40.18
N VAL C 333 -18.83 5.36 40.67
CA VAL C 333 -19.01 6.78 40.91
C VAL C 333 -18.00 7.30 41.93
N ILE C 334 -17.97 6.65 43.09
CA ILE C 334 -17.09 7.07 44.18
C ILE C 334 -15.63 7.10 43.76
N ALA C 335 -15.22 6.11 42.96
CA ALA C 335 -13.86 6.06 42.43
C ALA C 335 -13.55 7.29 41.59
N ILE C 336 -14.51 7.66 40.73
CA ILE C 336 -14.34 8.82 39.86
C ILE C 336 -14.26 10.09 40.70
N ARG C 337 -15.18 10.23 41.64
CA ARG C 337 -15.18 11.38 42.53
C ARG C 337 -13.83 11.52 43.21
N ALA C 338 -13.31 10.41 43.70
CA ALA C 338 -12.00 10.38 44.34
C ALA C 338 -10.89 10.89 43.43
N TYR C 339 -10.90 10.48 42.17
CA TYR C 339 -9.85 10.86 41.23
C TYR C 339 -9.77 12.37 41.00
N LEU C 340 -10.92 13.03 41.07
CA LEU C 340 -10.97 14.46 40.85
C LEU C 340 -10.30 15.19 42.00
N ASP C 341 -10.53 14.69 43.21
CA ASP C 341 -9.94 15.27 44.42
C ASP C 341 -8.43 15.36 44.34
N LYS C 342 -7.79 14.19 44.24
CA LYS C 342 -6.32 14.12 44.18
C LYS C 342 -5.72 15.15 43.22
N LEU C 343 -6.23 15.16 42.00
CA LEU C 343 -5.72 16.05 40.97
C LEU C 343 -5.99 17.51 41.31
N ASN C 344 -7.14 17.72 41.96
CA ASN C 344 -7.62 19.04 42.29
C ASN C 344 -6.69 19.74 43.27
N LYS C 345 -6.36 19.05 44.34
CA LYS C 345 -5.59 19.69 45.38
C LYS C 345 -4.17 19.96 44.89
N SER C 346 -3.54 18.94 44.35
CA SER C 346 -2.12 18.99 44.00
C SER C 346 -1.81 19.80 42.74
N ASN C 347 -0.70 20.52 42.78
CA ASN C 347 -0.22 21.30 41.63
C ASN C 347 1.03 20.66 41.01
N GLY C 350 0.95 20.95 35.46
CA GLY C 350 0.13 22.11 35.19
C GLY C 350 -1.35 21.82 35.03
N ASN C 351 -2.20 22.69 35.57
CA ASN C 351 -3.64 22.56 35.44
C ASN C 351 -4.04 22.11 34.05
N ARG C 352 -4.89 21.09 33.97
CA ARG C 352 -5.22 20.46 32.71
C ARG C 352 -6.56 20.93 32.13
N HIS C 353 -7.59 20.96 32.97
CA HIS C 353 -8.94 21.34 32.53
C HIS C 353 -9.40 20.49 31.34
N LEU C 354 -8.84 19.30 31.20
CA LEU C 354 -9.17 18.43 30.08
C LEU C 354 -10.67 18.21 29.96
N ALA C 355 -11.14 18.03 28.72
CA ALA C 355 -12.57 17.86 28.47
C ALA C 355 -13.08 16.53 29.01
N SER C 356 -12.21 15.53 29.08
CA SER C 356 -12.62 14.21 29.58
C SER C 356 -12.85 14.23 31.08
N VAL C 357 -12.07 15.02 31.79
CA VAL C 357 -12.27 15.19 33.22
C VAL C 357 -13.47 16.09 33.47
N GLU C 358 -13.61 17.13 32.66
CA GLU C 358 -14.75 18.04 32.75
C GLU C 358 -16.05 17.27 32.56
N LYS C 359 -16.04 16.31 31.64
CA LYS C 359 -17.22 15.53 31.34
C LYS C 359 -17.55 14.58 32.49
N LEU C 360 -16.54 13.89 33.00
CA LEU C 360 -16.71 12.98 34.13
C LEU C 360 -17.14 13.76 35.39
N ALA C 361 -16.57 14.95 35.57
CA ALA C 361 -16.86 15.82 36.71
C ALA C 361 -18.35 16.09 36.82
N ALA C 362 -18.90 16.77 35.81
CA ALA C 362 -20.30 17.19 35.82
C ALA C 362 -21.27 16.02 35.93
N LEU C 363 -21.08 15.01 35.10
CA LEU C 363 -22.01 13.88 35.03
C LEU C 363 -22.02 13.08 36.34
N VAL C 364 -21.02 13.31 37.18
CA VAL C 364 -21.01 12.72 38.52
C VAL C 364 -21.83 13.60 39.47
N GLU C 365 -21.56 14.90 39.43
CA GLU C 365 -22.30 15.86 40.25
C GLU C 365 -23.78 15.83 39.93
N SER E 5 46.00 -4.32 -9.64
CA SER E 5 46.91 -4.76 -10.70
C SER E 5 47.73 -3.61 -11.28
N PRO E 6 48.99 -3.90 -11.64
CA PRO E 6 50.03 -2.97 -12.09
C PRO E 6 49.61 -2.04 -13.23
N LEU E 7 48.98 -2.59 -14.26
CA LEU E 7 48.50 -1.79 -15.39
C LEU E 7 47.50 -0.73 -14.95
N LEU E 8 46.56 -1.12 -14.08
CA LEU E 8 45.59 -0.18 -13.53
C LEU E 8 46.27 0.94 -12.75
N GLU E 9 47.35 0.60 -12.06
CA GLU E 9 48.12 1.58 -11.30
C GLU E 9 48.90 2.47 -12.25
N GLN E 10 49.44 1.89 -13.32
CA GLN E 10 50.15 2.66 -14.34
C GLN E 10 49.20 3.60 -15.08
N LEU E 11 47.91 3.36 -14.90
CA LEU E 11 46.88 4.18 -15.53
C LEU E 11 46.58 5.42 -14.68
N ARG E 12 46.27 5.19 -13.40
CA ARG E 12 45.81 6.25 -12.51
C ARG E 12 46.92 7.21 -12.12
N ASN E 13 48.04 6.64 -11.68
CA ASN E 13 49.17 7.44 -11.24
C ASN E 13 49.93 8.07 -12.40
N SER E 14 49.25 8.19 -13.54
CA SER E 14 49.86 8.80 -14.72
C SER E 14 48.91 9.79 -15.38
N SER E 15 47.61 9.52 -15.27
CA SER E 15 46.60 10.42 -15.82
C SER E 15 46.57 11.74 -15.06
N SER E 22 52.18 10.42 -23.51
CA SER E 22 52.86 9.34 -22.79
C SER E 22 51.86 8.45 -22.07
N ASN E 23 50.60 8.59 -22.47
CA ASN E 23 49.52 7.78 -21.91
C ASN E 23 49.51 6.37 -22.52
N MET E 24 48.67 5.50 -21.96
CA MET E 24 48.49 4.17 -22.51
C MET E 24 47.49 4.20 -23.67
N SER E 25 47.41 3.09 -24.38
CA SER E 25 46.37 2.89 -25.36
C SER E 25 45.90 1.45 -25.26
N LEU E 26 44.86 1.12 -26.01
CA LEU E 26 44.24 -0.20 -25.97
C LEU E 26 45.21 -1.36 -26.18
N LYS E 27 46.29 -1.11 -26.91
CA LYS E 27 47.25 -2.17 -27.22
C LYS E 27 48.09 -2.53 -26.00
N ASP E 28 48.09 -1.65 -25.02
CA ASP E 28 48.87 -1.85 -23.80
C ASP E 28 48.20 -2.80 -22.80
N ILE E 29 46.92 -3.05 -22.99
CA ILE E 29 46.16 -3.80 -22.00
C ILE E 29 45.69 -5.17 -22.48
N PHE E 30 46.26 -5.66 -23.57
CA PHE E 30 45.81 -6.95 -24.12
C PHE E 30 45.78 -8.09 -23.11
N GLY E 31 46.53 -7.97 -22.03
CA GLY E 31 46.39 -8.95 -20.97
C GLY E 31 45.08 -8.91 -20.21
N HIS E 32 44.61 -7.70 -19.92
CA HIS E 32 43.70 -7.48 -18.81
C HIS E 32 42.47 -6.63 -19.11
N SER E 33 41.79 -6.93 -20.23
CA SER E 33 40.66 -6.11 -20.67
C SER E 33 39.47 -6.23 -19.73
N LEU E 34 39.06 -7.46 -19.44
CA LEU E 34 37.92 -7.73 -18.56
C LEU E 34 38.09 -7.05 -17.21
N GLU E 35 39.31 -7.07 -16.69
CA GLU E 35 39.61 -6.43 -15.42
C GLU E 35 39.70 -4.91 -15.56
N PHE E 36 39.92 -4.43 -16.78
CA PHE E 36 39.84 -2.98 -17.01
C PHE E 36 38.40 -2.53 -17.10
N CYS E 37 37.57 -3.39 -17.68
CA CYS E 37 36.17 -3.07 -17.87
C CYS E 37 35.39 -3.07 -16.54
N LYS E 38 35.80 -3.92 -15.59
CA LYS E 38 35.07 -4.03 -14.32
C LYS E 38 35.54 -3.00 -13.32
N ASP E 39 36.47 -2.16 -13.73
CA ASP E 39 37.04 -1.14 -12.87
C ASP E 39 36.52 0.20 -13.34
N GLN E 40 36.14 1.08 -12.43
CA GLN E 40 35.57 2.36 -12.88
C GLN E 40 36.50 3.15 -13.81
N HIS E 41 37.73 3.35 -13.35
CA HIS E 41 38.70 4.15 -14.10
C HIS E 41 39.14 3.45 -15.39
N GLY E 42 39.51 2.18 -15.27
CA GLY E 42 39.80 1.39 -16.44
C GLY E 42 38.68 1.51 -17.46
N SER E 43 37.43 1.44 -17.01
CA SER E 43 36.26 1.50 -17.88
C SER E 43 36.12 2.81 -18.65
N ARG E 44 36.19 3.93 -17.94
CA ARG E 44 36.12 5.24 -18.59
C ARG E 44 37.25 5.38 -19.61
N PHE E 45 38.40 4.80 -19.30
CA PHE E 45 39.51 4.78 -20.24
C PHE E 45 39.10 4.05 -21.51
N ILE E 46 38.59 2.83 -21.37
CA ILE E 46 38.28 2.05 -22.57
C ILE E 46 37.20 2.73 -23.39
N GLN E 47 36.22 3.33 -22.70
CA GLN E 47 35.11 4.01 -23.37
C GLN E 47 35.65 5.12 -24.29
N ARG E 48 36.63 5.84 -23.76
CA ARG E 48 37.22 6.99 -24.42
C ARG E 48 38.05 6.55 -25.62
N GLU E 49 38.87 5.52 -25.44
CA GLU E 49 39.65 4.94 -26.55
C GLU E 49 38.79 4.34 -27.66
N LEU E 50 37.64 3.75 -27.32
CA LEU E 50 36.78 3.10 -28.32
C LEU E 50 36.14 4.08 -29.28
N ALA E 51 36.01 5.33 -28.85
CA ALA E 51 35.42 6.35 -29.71
C ALA E 51 36.42 6.84 -30.79
N THR E 52 37.71 6.60 -30.59
CA THR E 52 38.69 7.14 -31.52
C THR E 52 39.73 6.14 -32.05
N SER E 53 39.68 4.90 -31.59
CA SER E 53 40.63 3.88 -32.00
C SER E 53 40.31 3.27 -33.37
N PRO E 54 41.34 2.92 -34.14
CA PRO E 54 41.16 2.26 -35.44
C PRO E 54 40.55 0.87 -35.24
N ALA E 55 40.00 0.33 -36.31
CA ALA E 55 39.35 -0.98 -36.26
C ALA E 55 40.19 -2.05 -35.58
N SER E 56 41.49 -2.04 -35.85
CA SER E 56 42.38 -3.08 -35.33
C SER E 56 42.42 -3.14 -33.81
N GLU E 57 42.49 -1.97 -33.18
CA GLU E 57 42.50 -1.91 -31.72
C GLU E 57 41.13 -2.28 -31.15
N LYS E 58 40.07 -1.88 -31.83
CA LYS E 58 38.75 -2.27 -31.35
C LYS E 58 38.58 -3.79 -31.42
N GLU E 59 39.02 -4.41 -32.52
CA GLU E 59 38.93 -5.86 -32.66
C GLU E 59 39.64 -6.58 -31.54
N VAL E 60 40.83 -6.11 -31.19
CA VAL E 60 41.60 -6.81 -30.18
C VAL E 60 40.91 -6.80 -28.82
N ILE E 61 40.36 -5.66 -28.43
CA ILE E 61 39.60 -5.57 -27.19
C ILE E 61 38.36 -6.45 -27.26
N PHE E 62 37.62 -6.34 -28.36
CA PHE E 62 36.37 -7.10 -28.50
C PHE E 62 36.57 -8.61 -28.47
N ASN E 63 37.52 -9.12 -29.25
CA ASN E 63 37.73 -10.55 -29.34
C ASN E 63 38.22 -11.12 -28.03
N GLU E 64 38.71 -10.23 -27.17
CA GLU E 64 39.15 -10.61 -25.86
C GLU E 64 38.00 -10.68 -24.84
N ILE E 65 37.06 -9.75 -24.89
CA ILE E 65 36.03 -9.69 -23.86
C ILE E 65 34.69 -10.22 -24.34
N ARG E 66 34.61 -10.76 -25.55
CA ARG E 66 33.31 -11.08 -26.12
C ARG E 66 32.63 -12.20 -25.36
N ASP E 67 33.41 -13.19 -24.95
CA ASP E 67 32.84 -14.31 -24.21
C ASP E 67 32.26 -13.90 -22.87
N ASP E 68 32.69 -12.74 -22.38
CA ASP E 68 32.19 -12.21 -21.11
C ASP E 68 31.25 -11.01 -21.29
N ALA E 69 30.60 -10.93 -22.44
CA ALA E 69 29.75 -9.79 -22.76
C ALA E 69 28.51 -9.72 -21.86
N ILE E 70 27.84 -10.85 -21.66
CA ILE E 70 26.71 -10.93 -20.75
C ILE E 70 27.09 -10.42 -19.35
N GLU E 71 28.18 -10.95 -18.80
CA GLU E 71 28.66 -10.53 -17.49
C GLU E 71 28.96 -9.03 -17.42
N LEU E 72 29.69 -8.54 -18.42
CA LEU E 72 29.97 -7.11 -18.48
C LEU E 72 28.68 -6.31 -18.59
N SER E 73 27.72 -6.84 -19.33
CA SER E 73 26.45 -6.15 -19.49
C SER E 73 25.78 -5.93 -18.15
N ASN E 74 26.02 -6.86 -17.22
CA ASN E 74 25.45 -6.77 -15.88
C ASN E 74 26.27 -5.96 -14.90
N ASP E 75 27.51 -5.64 -15.27
CA ASP E 75 28.42 -4.98 -14.36
C ASP E 75 28.22 -3.46 -14.32
N VAL E 76 28.39 -2.89 -13.13
CA VAL E 76 28.18 -1.46 -12.89
C VAL E 76 29.09 -0.54 -13.73
N PHE E 77 30.29 -0.99 -14.03
CA PHE E 77 31.21 -0.19 -14.84
C PHE E 77 31.39 -0.76 -16.23
N GLY E 78 31.22 -2.07 -16.37
CA GLY E 78 31.44 -2.73 -17.63
C GLY E 78 30.32 -2.50 -18.62
N ASN E 79 29.17 -2.05 -18.12
CA ASN E 79 28.01 -2.00 -19.02
C ASN E 79 28.21 -0.93 -20.07
N TYR E 80 28.99 0.12 -19.74
CA TYR E 80 29.30 1.20 -20.70
C TYR E 80 30.18 0.74 -21.85
N VAL E 81 31.06 -0.21 -21.59
CA VAL E 81 31.95 -0.69 -22.60
C VAL E 81 31.18 -1.51 -23.63
N ILE E 82 30.21 -2.29 -23.14
CA ILE E 82 29.37 -3.04 -24.06
C ILE E 82 28.53 -2.10 -24.92
N GLN E 83 28.00 -1.06 -24.28
CA GLN E 83 27.29 -0.02 -25.03
C GLN E 83 28.12 0.61 -26.14
N LYS E 84 29.41 0.87 -25.86
CA LYS E 84 30.27 1.55 -26.84
C LYS E 84 30.49 0.63 -28.02
N PHE E 85 30.43 -0.67 -27.79
CA PHE E 85 30.53 -1.55 -28.95
C PHE E 85 29.33 -1.52 -29.88
N PHE E 86 28.14 -1.20 -29.34
CA PHE E 86 26.99 -0.92 -30.20
C PHE E 86 27.11 0.42 -30.95
N GLU E 87 27.64 1.43 -30.27
CA GLU E 87 27.89 2.75 -30.84
C GLU E 87 29.07 2.83 -31.83
N PHE E 88 30.18 2.20 -31.50
CA PHE E 88 31.41 2.34 -32.29
C PHE E 88 31.82 1.03 -32.92
N GLY E 89 30.99 0.01 -32.78
CA GLY E 89 31.36 -1.31 -33.27
C GLY E 89 31.05 -1.54 -34.74
N SER E 90 31.61 -2.61 -35.27
CA SER E 90 31.29 -3.04 -36.62
C SER E 90 30.07 -3.95 -36.61
N LYS E 91 29.47 -4.10 -37.78
CA LYS E 91 28.34 -5.01 -37.97
C LYS E 91 28.61 -6.39 -37.40
N ILE E 92 29.73 -6.97 -37.82
CA ILE E 92 30.18 -8.26 -37.29
C ILE E 92 30.16 -8.30 -35.75
N GLN E 93 30.63 -7.24 -35.12
CA GLN E 93 30.68 -7.18 -33.66
C GLN E 93 29.30 -7.00 -33.03
N LYS E 94 28.48 -6.14 -33.64
CA LYS E 94 27.12 -5.95 -33.13
C LYS E 94 26.27 -7.22 -33.31
N ASN E 95 26.45 -7.92 -34.42
CA ASN E 95 25.73 -9.17 -34.64
C ASN E 95 26.10 -10.19 -33.58
N THR E 96 27.37 -10.21 -33.21
CA THR E 96 27.86 -11.18 -32.24
C THR E 96 27.27 -10.96 -30.85
N LEU E 97 27.17 -9.72 -30.43
CA LEU E 97 26.56 -9.39 -29.13
C LEU E 97 25.07 -9.72 -29.14
N VAL E 98 24.42 -9.37 -30.23
CA VAL E 98 23.00 -9.68 -30.37
C VAL E 98 22.77 -11.18 -30.21
N ASP E 99 23.61 -11.97 -30.86
CA ASP E 99 23.48 -13.43 -30.82
C ASP E 99 23.73 -13.96 -29.42
N GLN E 100 24.38 -13.17 -28.58
CA GLN E 100 24.51 -13.53 -27.17
C GLN E 100 23.32 -13.06 -26.33
N PHE E 101 22.49 -12.20 -26.92
CA PHE E 101 21.30 -11.72 -26.19
C PHE E 101 20.11 -12.62 -26.44
N LYS E 102 20.07 -13.22 -27.63
CA LYS E 102 19.00 -14.15 -27.99
C LYS E 102 18.77 -15.20 -26.92
N GLY E 103 17.52 -15.31 -26.46
CA GLY E 103 17.17 -16.26 -25.42
C GLY E 103 17.34 -15.67 -24.03
N ASN E 104 17.91 -14.47 -23.96
CA ASN E 104 18.17 -13.83 -22.67
C ASN E 104 17.53 -12.46 -22.50
N MET E 105 16.67 -12.04 -23.43
CA MET E 105 16.09 -10.71 -23.39
C MET E 105 15.46 -10.39 -22.04
N LYS E 106 14.56 -11.25 -21.60
CA LYS E 106 13.81 -10.97 -20.38
C LYS E 106 14.75 -10.73 -19.20
N GLN E 107 15.67 -11.65 -19.01
CA GLN E 107 16.58 -11.57 -17.89
C GLN E 107 17.40 -10.26 -17.94
N LEU E 108 17.99 -10.00 -19.11
CA LEU E 108 18.78 -8.80 -19.28
C LEU E 108 17.94 -7.56 -19.05
N SER E 109 16.71 -7.59 -19.55
CA SER E 109 15.85 -6.42 -19.49
C SER E 109 15.46 -6.08 -18.06
N LEU E 110 15.53 -7.07 -17.19
CA LEU E 110 15.12 -6.89 -15.78
C LEU E 110 16.30 -6.48 -14.87
N GLN E 111 17.53 -6.67 -15.36
CA GLN E 111 18.73 -6.32 -14.60
C GLN E 111 19.00 -4.82 -14.65
N MET E 112 19.48 -4.28 -13.55
CA MET E 112 19.64 -2.83 -13.41
C MET E 112 20.63 -2.24 -14.43
N TYR E 113 21.70 -2.97 -14.71
CA TYR E 113 22.70 -2.50 -15.66
C TYR E 113 22.52 -2.98 -17.10
N ALA E 114 22.25 -4.27 -17.25
CA ALA E 114 22.08 -4.84 -18.59
C ALA E 114 20.89 -4.27 -19.32
N CYS E 115 19.91 -3.71 -18.62
CA CYS E 115 18.79 -3.09 -19.33
C CYS E 115 19.28 -1.82 -20.10
N ARG E 116 20.33 -1.19 -19.57
CA ARG E 116 20.92 -0.02 -20.23
C ARG E 116 21.59 -0.41 -21.53
N VAL E 117 22.14 -1.61 -21.54
CA VAL E 117 22.83 -2.13 -22.72
C VAL E 117 21.78 -2.51 -23.74
N ILE E 118 20.71 -3.15 -23.28
CA ILE E 118 19.59 -3.50 -24.15
C ILE E 118 18.99 -2.24 -24.79
N GLN E 119 18.80 -1.21 -23.98
CA GLN E 119 18.26 0.04 -24.50
C GLN E 119 19.14 0.67 -25.56
N LYS E 120 20.47 0.61 -25.32
CA LYS E 120 21.43 1.17 -26.26
C LYS E 120 21.42 0.33 -27.54
N ALA E 121 21.33 -0.99 -27.39
CA ALA E 121 21.34 -1.87 -28.54
C ALA E 121 20.18 -1.62 -29.51
N LEU E 122 18.97 -1.41 -28.97
CA LEU E 122 17.79 -1.19 -29.81
C LEU E 122 17.98 0.04 -30.72
N GLU E 123 18.63 1.06 -30.16
CA GLU E 123 19.02 2.24 -30.91
C GLU E 123 19.98 1.98 -32.09
N TYR E 124 20.85 0.96 -31.97
CA TYR E 124 21.91 0.79 -32.98
C TYR E 124 21.85 -0.41 -33.93
N ILE E 125 21.09 -1.45 -33.61
CA ILE E 125 21.06 -2.64 -34.46
C ILE E 125 20.05 -2.51 -35.59
N ASP E 126 20.02 -3.49 -36.50
CA ASP E 126 19.11 -3.39 -37.64
C ASP E 126 17.67 -3.75 -37.28
N SER E 127 16.73 -3.16 -38.02
CA SER E 127 15.32 -3.19 -37.69
C SER E 127 14.82 -4.59 -37.38
N ASN E 128 15.34 -5.57 -38.10
CA ASN E 128 14.94 -6.97 -37.91
C ASN E 128 15.43 -7.56 -36.61
N GLN E 129 16.62 -7.12 -36.18
CA GLN E 129 17.20 -7.63 -34.95
C GLN E 129 16.45 -7.04 -33.77
N ARG E 130 16.02 -5.79 -33.91
CA ARG E 130 15.19 -5.18 -32.87
C ARG E 130 13.93 -6.01 -32.54
N ILE E 131 13.12 -6.27 -33.56
CA ILE E 131 11.88 -6.99 -33.35
C ILE E 131 12.14 -8.43 -32.88
N GLU E 132 13.19 -9.03 -33.41
CA GLU E 132 13.60 -10.39 -33.05
C GLU E 132 13.86 -10.51 -31.53
N LEU E 133 14.58 -9.53 -30.98
CA LEU E 133 14.84 -9.45 -29.55
C LEU E 133 13.59 -9.14 -28.75
N VAL E 134 12.85 -8.13 -29.19
CA VAL E 134 11.65 -7.71 -28.45
C VAL E 134 10.56 -8.77 -28.40
N LEU E 135 10.46 -9.60 -29.45
CA LEU E 135 9.51 -10.72 -29.47
C LEU E 135 9.60 -11.65 -28.25
N GLU E 136 10.76 -11.66 -27.60
CA GLU E 136 10.98 -12.52 -26.44
C GLU E 136 10.23 -12.01 -25.23
N LEU E 137 9.72 -10.78 -25.33
CA LEU E 137 8.99 -10.16 -24.25
C LEU E 137 7.49 -10.19 -24.49
N SER E 138 7.09 -10.88 -25.56
CA SER E 138 5.69 -10.92 -26.00
C SER E 138 4.67 -11.43 -24.96
N ASP E 139 5.12 -12.23 -24.00
CA ASP E 139 4.22 -12.78 -22.99
C ASP E 139 4.44 -12.19 -21.60
N SER E 140 5.24 -11.13 -21.53
CA SER E 140 5.70 -10.62 -20.24
C SER E 140 5.53 -9.12 -20.20
N VAL E 141 4.70 -8.61 -21.10
CA VAL E 141 4.52 -7.18 -21.27
C VAL E 141 4.08 -6.48 -20.00
N LEU E 142 2.99 -6.95 -19.39
CA LEU E 142 2.53 -6.36 -18.13
C LEU E 142 3.62 -6.42 -17.06
N GLN E 143 4.28 -7.57 -16.95
CA GLN E 143 5.40 -7.65 -16.02
C GLN E 143 6.50 -6.64 -16.35
N MET E 144 6.78 -6.46 -17.65
CA MET E 144 7.82 -5.52 -18.08
C MET E 144 7.52 -4.07 -17.70
N ILE E 145 6.26 -3.67 -17.91
CA ILE E 145 5.82 -2.31 -17.62
C ILE E 145 5.85 -1.98 -16.13
N LYS E 146 5.70 -3.00 -15.29
CA LYS E 146 5.67 -2.76 -13.86
C LYS E 146 7.06 -2.78 -13.25
N ASP E 147 8.01 -3.34 -13.99
CA ASP E 147 9.40 -3.39 -13.54
C ASP E 147 10.15 -2.06 -13.67
N GLN E 148 10.89 -1.71 -12.62
CA GLN E 148 11.72 -0.52 -12.60
C GLN E 148 12.68 -0.43 -13.81
N ASN E 149 13.15 -1.59 -14.27
CA ASN E 149 14.08 -1.61 -15.40
C ASN E 149 13.39 -1.90 -16.73
N GLY E 150 12.41 -2.81 -16.69
CA GLY E 150 11.76 -3.27 -17.89
C GLY E 150 10.87 -2.24 -18.57
N ASN E 151 10.37 -1.27 -17.81
CA ASN E 151 9.43 -0.31 -18.41
C ASN E 151 10.13 0.58 -19.43
N HIS E 152 11.44 0.79 -19.20
CA HIS E 152 12.25 1.61 -20.12
C HIS E 152 12.57 0.85 -21.41
N VAL E 153 12.72 -0.45 -21.31
CA VAL E 153 12.95 -1.27 -22.49
C VAL E 153 11.71 -1.26 -23.37
N ILE E 154 10.54 -1.44 -22.73
CA ILE E 154 9.26 -1.34 -23.41
C ILE E 154 9.10 -0.01 -24.15
N GLN E 155 9.30 1.10 -23.43
CA GLN E 155 9.23 2.43 -24.03
C GLN E 155 10.20 2.56 -25.22
N LYS E 156 11.42 2.09 -25.02
CA LYS E 156 12.41 2.15 -26.07
C LYS E 156 12.00 1.30 -27.26
N ALA E 157 11.47 0.10 -26.99
CA ALA E 157 10.92 -0.74 -28.06
C ALA E 157 9.84 0.02 -28.85
N ILE E 158 8.93 0.68 -28.15
CA ILE E 158 7.90 1.47 -28.84
C ILE E 158 8.51 2.60 -29.71
N GLU E 159 9.58 3.23 -29.23
CA GLU E 159 10.21 4.32 -29.95
C GLU E 159 10.98 3.88 -31.17
N THR E 160 11.50 2.66 -31.14
CA THR E 160 12.40 2.20 -32.20
C THR E 160 11.75 1.24 -33.21
N ILE E 161 10.60 0.66 -32.87
CA ILE E 161 9.99 -0.33 -33.74
C ILE E 161 8.58 0.12 -34.10
N PRO E 162 8.23 0.00 -35.40
CA PRO E 162 6.88 0.36 -35.89
C PRO E 162 5.80 -0.45 -35.19
N ILE E 163 4.84 0.26 -34.62
CA ILE E 163 3.82 -0.37 -33.79
C ILE E 163 3.10 -1.54 -34.49
N GLU E 164 2.97 -1.48 -35.81
CA GLU E 164 2.42 -2.59 -36.57
C GLU E 164 3.17 -3.89 -36.29
N LYS E 165 4.46 -3.79 -35.95
CA LYS E 165 5.24 -4.99 -35.65
C LYS E 165 5.11 -5.41 -34.19
N LEU E 166 4.38 -4.62 -33.40
CA LEU E 166 4.23 -4.84 -31.97
C LEU E 166 2.77 -5.01 -31.50
N PRO E 167 2.00 -5.89 -32.15
CA PRO E 167 0.57 -5.99 -31.77
C PRO E 167 0.40 -6.49 -30.34
N PHE E 168 1.34 -7.32 -29.88
CA PHE E 168 1.24 -7.97 -28.58
C PHE E 168 1.34 -7.01 -27.40
N ILE E 169 1.72 -5.76 -27.65
CA ILE E 169 1.80 -4.81 -26.55
C ILE E 169 0.41 -4.41 -26.10
N LEU E 170 -0.35 -3.77 -27.00
CA LEU E 170 -1.70 -3.33 -26.64
C LEU E 170 -2.63 -4.50 -26.35
N SER E 171 -2.52 -5.57 -27.13
CA SER E 171 -3.38 -6.74 -26.93
C SER E 171 -3.20 -7.31 -25.51
N SER E 172 -2.04 -7.06 -24.91
CA SER E 172 -1.77 -7.52 -23.55
C SER E 172 -2.28 -6.53 -22.52
N LEU E 173 -2.60 -5.32 -22.96
CA LEU E 173 -3.00 -4.27 -22.03
C LEU E 173 -4.52 -4.10 -21.88
N THR E 174 -5.30 -4.56 -22.86
CA THR E 174 -6.74 -4.30 -22.82
C THR E 174 -7.34 -4.83 -21.53
N GLY E 175 -8.11 -3.98 -20.85
CA GLY E 175 -8.60 -4.30 -19.53
C GLY E 175 -7.76 -3.66 -18.42
N HIS E 176 -6.51 -3.37 -18.73
CA HIS E 176 -5.60 -2.83 -17.73
C HIS E 176 -5.27 -1.36 -17.93
N ILE E 177 -5.80 -0.76 -18.98
CA ILE E 177 -5.38 0.58 -19.40
C ILE E 177 -5.65 1.68 -18.37
N TYR E 178 -6.79 1.65 -17.70
CA TYR E 178 -7.01 2.65 -16.66
C TYR E 178 -6.03 2.47 -15.50
N HIS E 179 -5.94 1.24 -15.00
CA HIS E 179 -4.96 0.92 -13.97
C HIS E 179 -3.58 1.47 -14.34
N LEU E 180 -3.09 1.12 -15.52
CA LEU E 180 -1.76 1.54 -15.96
C LEU E 180 -1.61 3.06 -16.01
N SER E 181 -2.71 3.74 -16.35
CA SER E 181 -2.71 5.20 -16.53
C SER E 181 -2.59 5.98 -15.23
N THR E 182 -2.79 5.27 -14.12
CA THR E 182 -2.58 5.82 -12.78
C THR E 182 -1.34 5.23 -12.06
N HIS E 183 -0.64 4.33 -12.75
CA HIS E 183 0.62 3.82 -12.25
C HIS E 183 1.79 4.70 -12.75
N SER E 184 2.87 4.72 -11.98
CA SER E 184 4.02 5.56 -12.27
C SER E 184 4.65 5.26 -13.62
N TYR E 185 4.79 3.97 -13.96
CA TYR E 185 5.42 3.58 -15.22
C TYR E 185 4.38 3.43 -16.30
N GLY E 186 3.22 2.94 -15.91
CA GLY E 186 2.13 2.71 -16.84
C GLY E 186 1.71 3.95 -17.62
N CYS E 187 1.88 5.12 -17.01
CA CYS E 187 1.45 6.34 -17.67
C CYS E 187 2.44 6.78 -18.73
N ARG E 188 3.70 6.43 -18.53
CA ARG E 188 4.76 6.69 -19.53
C ARG E 188 4.54 5.84 -20.77
N VAL E 189 4.34 4.55 -20.57
CA VAL E 189 4.02 3.65 -21.67
C VAL E 189 2.75 4.09 -22.39
N ILE E 190 1.70 4.38 -21.62
CA ILE E 190 0.46 4.86 -22.23
C ILE E 190 0.74 6.07 -23.14
N GLN E 191 1.47 7.04 -22.61
CA GLN E 191 1.86 8.20 -23.38
C GLN E 191 2.61 7.84 -24.66
N ARG E 192 3.47 6.81 -24.61
CA ARG E 192 4.17 6.38 -25.81
C ARG E 192 3.23 5.67 -26.77
N LEU E 193 2.35 4.80 -26.25
CA LEU E 193 1.45 4.07 -27.13
C LEU E 193 0.60 5.06 -27.89
N LEU E 194 0.13 6.09 -27.20
CA LEU E 194 -0.67 7.11 -27.87
C LEU E 194 0.13 7.88 -28.95
N GLU E 195 1.35 8.31 -28.61
CA GLU E 195 2.16 9.07 -29.55
C GLU E 195 2.48 8.29 -30.82
N PHE E 196 2.84 7.01 -30.65
CA PHE E 196 3.35 6.16 -31.73
C PHE E 196 2.29 5.23 -32.30
N GLY E 197 1.11 5.19 -31.68
CA GLY E 197 0.09 4.23 -32.07
C GLY E 197 -0.70 4.61 -33.30
N SER E 198 -1.25 3.61 -33.98
CA SER E 198 -2.18 3.84 -35.08
C SER E 198 -3.46 4.50 -34.52
N SER E 199 -4.24 5.09 -35.41
CA SER E 199 -5.50 5.70 -35.00
C SER E 199 -6.37 4.72 -34.25
N GLU E 200 -6.31 3.45 -34.62
CA GLU E 200 -7.12 2.41 -33.98
C GLU E 200 -6.61 2.10 -32.58
N ASP E 201 -5.28 2.00 -32.45
CA ASP E 201 -4.68 1.81 -31.14
C ASP E 201 -5.12 2.92 -30.19
N GLN E 202 -5.01 4.16 -30.65
CA GLN E 202 -5.44 5.30 -29.84
C GLN E 202 -6.91 5.19 -29.45
N GLU E 203 -7.74 4.70 -30.35
CA GLU E 203 -9.16 4.53 -30.07
C GLU E 203 -9.34 3.51 -28.96
N SER E 204 -8.65 2.39 -29.08
CA SER E 204 -8.72 1.31 -28.09
C SER E 204 -8.32 1.76 -26.70
N ILE E 205 -7.40 2.72 -26.64
CA ILE E 205 -6.88 3.21 -25.37
C ILE E 205 -7.81 4.26 -24.76
N LEU E 206 -8.30 5.16 -25.60
CA LEU E 206 -9.09 6.28 -25.14
C LEU E 206 -10.46 5.80 -24.70
N ASN E 207 -10.90 4.66 -25.24
CA ASN E 207 -12.17 4.06 -24.86
C ASN E 207 -12.18 3.55 -23.42
N GLU E 208 -11.05 3.05 -22.96
CA GLU E 208 -10.93 2.57 -21.59
C GLU E 208 -10.72 3.71 -20.60
N LEU E 209 -10.60 4.93 -21.11
CA LEU E 209 -10.31 6.07 -20.26
C LEU E 209 -11.47 7.05 -20.23
N LYS E 210 -12.29 7.04 -21.27
CA LYS E 210 -13.30 8.07 -21.46
C LYS E 210 -14.49 8.02 -20.46
N ASP E 211 -14.49 7.04 -19.56
CA ASP E 211 -15.48 6.98 -18.50
C ASP E 211 -14.92 7.41 -17.16
N PHE E 212 -13.64 7.81 -17.14
CA PHE E 212 -12.94 8.07 -15.89
C PHE E 212 -12.13 9.36 -15.83
N ILE E 213 -12.45 10.31 -16.71
CA ILE E 213 -11.69 11.55 -16.81
C ILE E 213 -11.59 12.29 -15.48
N PRO E 214 -12.69 12.31 -14.69
CA PRO E 214 -12.62 12.91 -13.35
C PRO E 214 -11.55 12.28 -12.46
N TYR E 215 -11.39 10.97 -12.49
CA TYR E 215 -10.38 10.37 -11.62
C TYR E 215 -8.99 10.67 -12.16
N LEU E 216 -8.83 10.54 -13.48
CA LEU E 216 -7.53 10.78 -14.13
C LEU E 216 -7.03 12.20 -13.91
N ILE E 217 -7.92 13.19 -14.01
CA ILE E 217 -7.52 14.58 -13.85
C ILE E 217 -6.89 14.86 -12.49
N GLN E 218 -7.32 14.13 -11.47
CA GLN E 218 -6.92 14.44 -10.11
C GLN E 218 -5.90 13.49 -9.57
N ASP E 219 -5.55 12.48 -10.38
CA ASP E 219 -4.53 11.51 -9.98
C ASP E 219 -3.12 12.08 -10.18
N GLN E 220 -2.19 11.64 -9.34
CA GLN E 220 -0.80 12.09 -9.44
C GLN E 220 -0.05 11.65 -10.70
N TYR E 221 -0.55 10.63 -11.40
CA TYR E 221 0.08 10.19 -12.65
C TYR E 221 -0.86 10.36 -13.84
N GLY E 222 -2.12 9.96 -13.67
CA GLY E 222 -3.13 10.11 -14.70
C GLY E 222 -3.30 11.52 -15.26
N ASN E 223 -3.07 12.53 -14.42
CA ASN E 223 -3.15 13.91 -14.89
C ASN E 223 -2.17 14.25 -16.02
N TYR E 224 -1.07 13.52 -16.07
CA TYR E 224 -0.13 13.70 -17.17
C TYR E 224 -0.73 13.15 -18.46
N VAL E 225 -1.42 12.01 -18.37
CA VAL E 225 -2.04 11.42 -19.54
C VAL E 225 -3.05 12.38 -20.09
N ILE E 226 -3.76 13.06 -19.18
CA ILE E 226 -4.79 14.03 -19.58
C ILE E 226 -4.11 15.19 -20.32
N GLN E 227 -3.00 15.66 -19.77
CA GLN E 227 -2.25 16.78 -20.35
C GLN E 227 -1.76 16.44 -21.74
N TYR E 228 -1.32 15.21 -21.93
CA TYR E 228 -0.84 14.80 -23.24
C TYR E 228 -1.97 14.81 -24.24
N VAL E 229 -3.15 14.34 -23.86
CA VAL E 229 -4.33 14.44 -24.73
C VAL E 229 -4.74 15.88 -25.07
N LEU E 230 -4.69 16.75 -24.05
CA LEU E 230 -5.00 18.16 -24.22
C LEU E 230 -4.10 18.86 -25.24
N GLN E 231 -2.84 18.47 -25.30
CA GLN E 231 -1.89 19.22 -26.11
C GLN E 231 -1.81 18.73 -27.54
N GLN E 232 -2.62 17.72 -27.88
CA GLN E 232 -2.77 17.30 -29.26
C GLN E 232 -3.51 18.37 -30.07
N ASP E 233 -3.34 18.31 -31.39
CA ASP E 233 -4.00 19.25 -32.30
C ASP E 233 -5.17 18.57 -33.03
N GLN E 234 -6.08 19.36 -33.59
CA GLN E 234 -7.25 18.82 -34.30
C GLN E 234 -6.91 18.13 -35.61
N PHE E 235 -5.62 17.93 -35.85
CA PHE E 235 -5.14 17.21 -37.02
C PHE E 235 -5.30 15.71 -36.81
N THR E 236 -5.30 15.31 -35.53
CA THR E 236 -5.39 13.90 -35.16
C THR E 236 -6.74 13.28 -35.50
N ASN E 237 -7.00 12.10 -34.92
CA ASN E 237 -8.20 11.33 -35.24
C ASN E 237 -9.48 11.90 -34.63
N LYS E 238 -10.59 11.18 -34.83
CA LYS E 238 -11.89 11.61 -34.33
C LYS E 238 -11.99 11.40 -32.82
N GLU E 239 -11.29 10.39 -32.35
CA GLU E 239 -11.39 10.01 -30.95
C GLU E 239 -10.71 11.04 -30.06
N MET E 240 -9.55 11.55 -30.48
CA MET E 240 -8.85 12.59 -29.74
C MET E 240 -9.76 13.81 -29.58
N VAL E 241 -10.28 14.30 -30.69
CA VAL E 241 -11.15 15.47 -30.68
C VAL E 241 -12.29 15.33 -29.65
N ASP E 242 -12.99 14.21 -29.69
CA ASP E 242 -14.09 13.99 -28.75
C ASP E 242 -13.61 13.94 -27.30
N ILE E 243 -12.52 13.21 -27.07
CA ILE E 243 -11.99 13.10 -25.71
C ILE E 243 -11.44 14.43 -25.21
N LYS E 244 -10.86 15.21 -26.12
CA LYS E 244 -10.35 16.52 -25.72
C LYS E 244 -11.50 17.40 -25.28
N GLN E 245 -12.65 17.25 -25.93
CA GLN E 245 -13.84 18.00 -25.55
C GLN E 245 -14.38 17.59 -24.15
N GLU E 246 -14.51 16.28 -23.90
CA GLU E 246 -14.94 15.81 -22.58
C GLU E 246 -14.03 16.26 -21.46
N ILE E 247 -12.78 16.51 -21.79
CA ILE E 247 -11.84 16.94 -20.77
C ILE E 247 -12.12 18.39 -20.45
N ILE E 248 -12.22 19.20 -21.51
CA ILE E 248 -12.61 20.60 -21.37
C ILE E 248 -13.95 20.73 -20.63
N GLU E 249 -14.94 19.97 -21.09
CA GLU E 249 -16.26 20.05 -20.49
C GLU E 249 -16.20 19.68 -19.02
N THR E 250 -15.40 18.67 -18.69
CA THR E 250 -15.30 18.26 -17.31
C THR E 250 -14.59 19.31 -16.50
N VAL E 251 -13.56 19.94 -17.08
CA VAL E 251 -12.82 20.99 -16.38
C VAL E 251 -13.72 22.21 -16.24
N ALA E 252 -14.54 22.47 -17.25
CA ALA E 252 -15.48 23.56 -17.16
C ALA E 252 -16.40 23.38 -15.95
N ASN E 253 -16.97 22.19 -15.81
CA ASN E 253 -17.90 21.91 -14.72
C ASN E 253 -17.28 22.02 -13.31
N ASN E 254 -15.95 22.08 -13.23
CA ASN E 254 -15.28 22.01 -11.94
C ASN E 254 -14.16 23.00 -11.77
N VAL E 255 -14.20 24.06 -12.59
CA VAL E 255 -13.07 24.96 -12.73
C VAL E 255 -12.41 25.32 -11.42
N VAL E 256 -13.22 25.72 -10.46
CA VAL E 256 -12.68 26.22 -9.21
C VAL E 256 -12.04 25.13 -8.35
N GLU E 257 -12.72 23.98 -8.20
CA GLU E 257 -12.20 22.93 -7.32
C GLU E 257 -10.92 22.33 -7.87
N TYR E 258 -10.86 22.10 -9.18
CA TYR E 258 -9.64 21.62 -9.80
C TYR E 258 -8.50 22.62 -9.62
N SER E 259 -8.77 23.90 -9.87
CA SER E 259 -7.75 24.93 -9.71
C SER E 259 -7.13 24.94 -8.32
N LYS E 260 -7.86 24.42 -7.34
CA LYS E 260 -7.39 24.40 -5.96
C LYS E 260 -6.77 23.06 -5.61
N HIS E 261 -6.69 22.20 -6.61
CA HIS E 261 -6.18 20.85 -6.47
C HIS E 261 -4.73 20.81 -6.94
N LYS E 262 -3.85 20.27 -6.11
CA LYS E 262 -2.42 20.17 -6.43
C LYS E 262 -2.15 19.63 -7.84
N PHE E 263 -2.78 18.51 -8.15
CA PHE E 263 -2.59 17.84 -9.43
C PHE E 263 -3.48 18.39 -10.54
N ALA E 264 -4.75 18.60 -10.24
CA ALA E 264 -5.74 19.04 -11.23
C ALA E 264 -5.52 20.47 -11.70
N SER E 265 -4.87 21.28 -10.87
CA SER E 265 -4.56 22.65 -11.27
C SER E 265 -3.72 22.72 -12.54
N ASN E 266 -2.81 21.77 -12.72
CA ASN E 266 -2.01 21.69 -13.93
C ASN E 266 -2.85 21.38 -15.16
N VAL E 267 -3.91 20.59 -14.97
CA VAL E 267 -4.79 20.25 -16.08
C VAL E 267 -5.61 21.44 -16.49
N VAL E 268 -5.95 22.30 -15.54
CA VAL E 268 -6.70 23.51 -15.91
C VAL E 268 -5.81 24.44 -16.73
N GLU E 269 -4.54 24.52 -16.37
CA GLU E 269 -3.61 25.36 -17.14
C GLU E 269 -3.47 24.91 -18.59
N LYS E 270 -3.36 23.61 -18.80
CA LYS E 270 -3.20 23.10 -20.15
C LYS E 270 -4.49 23.27 -20.89
N SER E 271 -5.60 23.12 -20.19
CA SER E 271 -6.93 23.32 -20.79
C SER E 271 -6.99 24.66 -21.47
N ILE E 272 -6.71 25.72 -20.72
CA ILE E 272 -6.81 27.08 -21.24
C ILE E 272 -5.65 27.43 -22.15
N LEU E 273 -4.53 26.70 -22.01
CA LEU E 273 -3.37 26.92 -22.87
C LEU E 273 -3.52 26.28 -24.24
N TYR E 274 -4.02 25.05 -24.28
CA TYR E 274 -4.13 24.32 -25.54
C TYR E 274 -5.55 24.11 -26.09
N GLY E 275 -6.57 24.60 -25.37
CA GLY E 275 -7.92 24.48 -25.86
C GLY E 275 -8.19 25.44 -26.99
N SER E 276 -9.13 25.07 -27.87
CA SER E 276 -9.55 25.96 -28.97
C SER E 276 -10.19 27.24 -28.43
N LYS E 277 -10.46 28.17 -29.34
CA LYS E 277 -11.07 29.43 -28.95
C LYS E 277 -12.28 29.16 -28.07
N ASN E 278 -13.20 28.35 -28.59
CA ASN E 278 -14.45 28.05 -27.92
C ASN E 278 -14.25 27.34 -26.58
N GLN E 279 -13.47 26.27 -26.61
CA GLN E 279 -13.18 25.49 -25.40
C GLN E 279 -12.65 26.39 -24.30
N LYS E 280 -11.85 27.37 -24.68
CA LYS E 280 -11.20 28.27 -23.73
C LYS E 280 -12.21 29.23 -23.13
N ASP E 281 -13.09 29.75 -23.97
CA ASP E 281 -14.11 30.68 -23.50
C ASP E 281 -15.10 29.94 -22.61
N LEU E 282 -15.37 28.69 -22.97
CA LEU E 282 -16.19 27.82 -22.14
C LEU E 282 -15.69 27.73 -20.70
N ILE E 283 -14.38 27.68 -20.54
CA ILE E 283 -13.79 27.57 -19.21
C ILE E 283 -13.72 28.91 -18.48
N ILE E 284 -13.40 29.96 -19.22
CA ILE E 284 -13.20 31.27 -18.64
C ILE E 284 -14.53 31.91 -18.24
N SER E 285 -15.59 31.55 -18.97
CA SER E 285 -16.92 32.06 -18.69
C SER E 285 -17.44 31.57 -17.34
N LYS E 286 -16.66 30.71 -16.68
CA LYS E 286 -17.03 30.20 -15.37
C LYS E 286 -16.46 31.10 -14.27
N ILE E 287 -15.43 31.85 -14.61
CA ILE E 287 -14.68 32.64 -13.62
C ILE E 287 -14.84 34.14 -13.84
N LEU E 288 -15.15 34.52 -15.07
CA LEU E 288 -15.29 35.94 -15.42
C LEU E 288 -16.40 36.66 -14.68
N PRO E 289 -16.05 37.76 -14.00
CA PRO E 289 -17.03 38.66 -13.39
C PRO E 289 -17.97 39.22 -14.46
N ARG E 290 -19.27 39.23 -14.17
CA ARG E 290 -20.27 39.53 -15.19
C ARG E 290 -20.05 40.85 -15.93
N ASP E 291 -19.51 41.86 -15.25
CA ASP E 291 -19.33 43.18 -15.85
C ASP E 291 -18.27 44.01 -15.14
N LYS E 292 -18.05 45.22 -15.65
CA LYS E 292 -17.05 46.14 -15.10
C LYS E 292 -17.28 46.42 -13.62
N ASN E 293 -18.52 46.24 -13.17
CA ASN E 293 -18.90 46.55 -11.80
C ASN E 293 -18.62 45.40 -10.85
N HIS E 294 -19.12 44.22 -11.18
CA HIS E 294 -18.81 43.02 -10.42
C HIS E 294 -17.32 42.94 -10.22
N ALA E 295 -16.58 43.21 -11.30
CA ALA E 295 -15.12 43.16 -11.29
C ALA E 295 -14.53 44.05 -10.21
N LEU E 296 -15.02 45.30 -10.14
CA LEU E 296 -14.49 46.26 -9.18
C LEU E 296 -14.85 45.90 -7.74
N ASN E 297 -16.01 45.26 -7.56
CA ASN E 297 -16.45 44.86 -6.24
C ASN E 297 -16.87 43.40 -6.20
N LEU E 298 -15.88 42.52 -6.11
CA LEU E 298 -16.15 41.09 -6.03
C LEU E 298 -16.34 40.66 -4.58
N GLU E 299 -17.00 39.52 -4.39
CA GLU E 299 -17.21 38.99 -3.06
C GLU E 299 -16.18 37.94 -2.74
N ASP E 300 -15.93 37.73 -1.45
CA ASP E 300 -14.89 36.80 -1.01
C ASP E 300 -15.22 35.35 -1.33
N ASP E 301 -16.37 35.12 -1.97
CA ASP E 301 -16.76 33.77 -2.35
C ASP E 301 -16.93 33.62 -3.87
N SER E 302 -16.69 34.70 -4.60
CA SER E 302 -16.64 34.64 -6.05
C SER E 302 -15.44 33.81 -6.50
N PRO E 303 -15.62 33.02 -7.58
CA PRO E 303 -14.57 32.17 -8.15
C PRO E 303 -13.18 32.83 -8.16
N MET E 304 -13.08 33.97 -8.83
CA MET E 304 -11.82 34.71 -8.93
C MET E 304 -11.10 34.82 -7.59
N ILE E 305 -11.81 35.31 -6.57
CA ILE E 305 -11.19 35.61 -5.30
C ILE E 305 -10.79 34.35 -4.54
N LEU E 306 -11.64 33.32 -4.62
CA LEU E 306 -11.32 32.03 -4.02
C LEU E 306 -10.06 31.49 -4.67
N MET E 307 -9.88 31.83 -5.95
CA MET E 307 -8.75 31.34 -6.72
C MET E 307 -7.47 32.13 -6.43
N ILE E 308 -7.55 33.45 -6.47
CA ILE E 308 -6.40 34.31 -6.16
C ILE E 308 -5.77 33.97 -4.81
N LYS E 309 -6.59 33.56 -3.85
CA LYS E 309 -6.11 33.31 -2.51
C LYS E 309 -5.59 31.90 -2.30
N ASP E 310 -5.76 31.02 -3.29
CA ASP E 310 -5.35 29.63 -3.16
C ASP E 310 -3.94 29.35 -3.70
N GLN E 311 -3.22 28.47 -3.01
CA GLN E 311 -1.84 28.15 -3.35
C GLN E 311 -1.68 27.65 -4.79
N PHE E 312 -2.64 26.89 -5.28
CA PHE E 312 -2.56 26.34 -6.63
C PHE E 312 -3.29 27.20 -7.65
N ALA E 313 -4.46 27.70 -7.26
CA ALA E 313 -5.35 28.44 -8.14
C ALA E 313 -4.74 29.73 -8.66
N ASN E 314 -3.87 30.36 -7.87
CA ASN E 314 -3.24 31.60 -8.29
C ASN E 314 -2.45 31.46 -9.61
N TYR E 315 -1.88 30.27 -9.86
CA TYR E 315 -1.17 30.01 -11.11
C TYR E 315 -2.12 29.96 -12.29
N VAL E 316 -3.28 29.36 -12.08
CA VAL E 316 -4.32 29.31 -13.11
C VAL E 316 -4.82 30.70 -13.42
N ILE E 317 -4.78 31.58 -12.42
CA ILE E 317 -5.16 32.98 -12.63
C ILE E 317 -4.10 33.71 -13.47
N GLN E 318 -2.85 33.61 -13.04
CA GLN E 318 -1.73 34.14 -13.82
C GLN E 318 -1.83 33.67 -15.27
N LYS E 319 -2.02 32.36 -15.45
CA LYS E 319 -2.15 31.78 -16.77
C LYS E 319 -3.27 32.44 -17.56
N LEU E 320 -4.42 32.66 -16.92
CA LEU E 320 -5.56 33.28 -17.59
C LEU E 320 -5.22 34.68 -18.08
N VAL E 321 -4.50 35.43 -17.26
CA VAL E 321 -4.04 36.75 -17.63
C VAL E 321 -3.39 36.72 -19.02
N ASN E 322 -2.49 35.76 -19.23
CA ASN E 322 -1.75 35.61 -20.49
C ASN E 322 -2.58 35.17 -21.68
N VAL E 323 -3.39 34.14 -21.50
CA VAL E 323 -4.15 33.55 -22.61
C VAL E 323 -5.48 34.26 -22.85
N SER E 324 -5.71 35.34 -22.12
CA SER E 324 -6.99 36.04 -22.21
C SER E 324 -7.13 37.00 -23.39
N GLU E 325 -8.27 36.92 -24.06
CA GLU E 325 -8.63 37.84 -25.14
C GLU E 325 -9.12 39.17 -24.57
N GLY E 326 -9.03 40.22 -25.39
CA GLY E 326 -9.32 41.59 -24.97
C GLY E 326 -10.52 41.83 -24.05
N GLU E 327 -11.65 41.18 -24.34
CA GLU E 327 -12.86 41.48 -23.61
C GLU E 327 -12.94 40.79 -22.25
N GLY E 328 -12.41 39.58 -22.16
CA GLY E 328 -12.34 38.87 -20.89
C GLY E 328 -11.13 39.32 -20.10
N LYS E 329 -9.98 39.32 -20.76
CA LYS E 329 -8.73 39.81 -20.20
C LYS E 329 -8.97 41.12 -19.46
N LYS E 330 -9.79 41.97 -20.07
CA LYS E 330 -10.14 43.26 -19.50
C LYS E 330 -10.65 43.12 -18.08
N LEU E 331 -11.66 42.27 -17.91
CA LEU E 331 -12.32 42.09 -16.62
C LEU E 331 -11.43 41.40 -15.59
N ILE E 332 -10.56 40.52 -16.07
CA ILE E 332 -9.70 39.73 -15.18
C ILE E 332 -8.66 40.61 -14.50
N VAL E 333 -8.07 41.52 -15.29
CA VAL E 333 -7.02 42.39 -14.78
C VAL E 333 -7.54 43.30 -13.68
N ILE E 334 -8.62 44.01 -13.98
CA ILE E 334 -9.21 44.96 -13.04
C ILE E 334 -9.59 44.29 -11.73
N ALA E 335 -10.13 43.07 -11.80
CA ALA E 335 -10.47 42.31 -10.61
C ALA E 335 -9.24 42.06 -9.74
N ILE E 336 -8.15 41.67 -10.38
CA ILE E 336 -6.91 41.39 -9.68
C ILE E 336 -6.37 42.66 -9.03
N ARG E 337 -6.33 43.74 -9.80
CA ARG E 337 -5.90 45.04 -9.28
C ARG E 337 -6.70 45.41 -8.03
N ALA E 338 -8.01 45.22 -8.11
CA ALA E 338 -8.90 45.49 -6.99
C ALA E 338 -8.53 44.70 -5.74
N TYR E 339 -8.20 43.41 -5.91
CA TYR E 339 -7.90 42.54 -4.78
C TYR E 339 -6.67 42.99 -4.00
N LEU E 340 -5.71 43.59 -4.70
CA LEU E 340 -4.49 44.06 -4.07
C LEU E 340 -4.78 45.25 -3.17
N ASP E 341 -5.67 46.13 -3.64
CA ASP E 341 -6.07 47.32 -2.88
C ASP E 341 -6.61 46.96 -1.50
N LYS E 342 -7.71 46.22 -1.48
CA LYS E 342 -8.35 45.83 -0.22
C LYS E 342 -7.35 45.32 0.81
N LEU E 343 -6.51 44.38 0.41
CA LEU E 343 -5.54 43.76 1.31
C LEU E 343 -4.49 44.77 1.73
N ASN E 344 -4.19 45.68 0.81
CA ASN E 344 -3.18 46.72 1.03
C ASN E 344 -3.57 47.72 2.11
N LYS E 345 -4.78 48.29 1.97
CA LYS E 345 -5.33 49.37 2.80
C LYS E 345 -5.82 48.88 4.16
N SER E 346 -5.89 47.56 4.31
CA SER E 346 -6.35 46.93 5.54
C SER E 346 -5.18 46.62 6.47
N ASN E 347 -3.97 46.89 6.00
CA ASN E 347 -2.75 46.63 6.79
C ASN E 347 -2.70 45.20 7.32
N GLY E 350 0.62 40.99 8.16
CA GLY E 350 1.55 41.27 9.25
C GLY E 350 2.87 41.88 8.79
N ASN E 351 3.49 41.24 7.80
CA ASN E 351 4.80 41.70 7.34
C ASN E 351 4.96 41.55 5.83
N ARG E 352 6.02 40.87 5.40
CA ARG E 352 6.25 40.64 3.98
C ARG E 352 5.20 39.68 3.44
N HIS E 353 4.61 40.02 2.29
CA HIS E 353 3.52 39.23 1.73
C HIS E 353 3.94 38.10 0.78
N LEU E 354 2.95 37.36 0.35
CA LEU E 354 3.09 36.08 -0.34
C LEU E 354 3.62 36.20 -1.76
N ALA E 355 4.29 35.14 -2.23
CA ALA E 355 4.86 35.15 -3.58
C ALA E 355 3.80 35.13 -4.68
N SER E 356 2.63 34.55 -4.39
CA SER E 356 1.55 34.48 -5.36
C SER E 356 0.94 35.84 -5.60
N VAL E 357 0.85 36.65 -4.54
CA VAL E 357 0.36 38.01 -4.67
C VAL E 357 1.43 38.89 -5.33
N GLU E 358 2.68 38.68 -4.95
CA GLU E 358 3.80 39.40 -5.54
C GLU E 358 3.86 39.17 -7.04
N LYS E 359 3.58 37.94 -7.45
CA LYS E 359 3.62 37.58 -8.86
C LYS E 359 2.48 38.23 -9.62
N LEU E 360 1.27 38.14 -9.06
CA LEU E 360 0.09 38.77 -9.66
C LEU E 360 0.24 40.30 -9.70
N ALA E 361 0.85 40.87 -8.66
CA ALA E 361 1.09 42.32 -8.55
C ALA E 361 1.87 42.85 -9.74
N ALA E 362 3.10 42.37 -9.87
CA ALA E 362 4.00 42.86 -10.92
C ALA E 362 3.47 42.64 -12.33
N LEU E 363 3.03 41.42 -12.62
CA LEU E 363 2.59 41.07 -13.96
C LEU E 363 1.33 41.84 -14.38
N VAL E 364 0.69 42.48 -13.40
CA VAL E 364 -0.42 43.38 -13.72
C VAL E 364 0.13 44.77 -14.05
N GLU E 365 1.02 45.26 -13.20
CA GLU E 365 1.66 46.55 -13.42
C GLU E 365 2.44 46.57 -14.75
C1 CIT G . 7.66 -18.11 21.59
O1 CIT G . 6.91 -17.24 22.13
O2 CIT G . 7.18 -19.23 21.34
C2 CIT G . 9.10 -17.77 21.27
C3 CIT G . 9.93 -17.57 22.54
O7 CIT G . 9.33 -16.51 23.33
C4 CIT G . 11.37 -17.21 22.20
C5 CIT G . 11.78 -15.89 22.81
O3 CIT G . 11.52 -15.60 24.00
O4 CIT G . 12.40 -15.05 22.12
C6 CIT G . 9.93 -18.87 23.35
O5 CIT G . 9.43 -19.92 22.88
O6 CIT G . 10.44 -18.89 24.50
C1 CIT H . -28.04 7.76 -0.88
O1 CIT H . -27.55 6.62 -0.70
O2 CIT H . -27.41 8.76 -0.45
C2 CIT H . -29.36 7.94 -1.58
C3 CIT H . -30.48 7.11 -0.93
O7 CIT H . -30.25 5.71 -1.23
C4 CIT H . -31.83 7.57 -1.51
C5 CIT H . -32.81 6.43 -1.56
O3 CIT H . -32.68 5.41 -0.84
O4 CIT H . -33.79 6.50 -2.33
C6 CIT H . -30.55 7.32 0.57
O5 CIT H . -29.74 6.75 1.34
O6 CIT H . -31.42 8.08 1.06
C1 CIT I . 20.56 7.23 -20.10
O1 CIT I . 19.80 6.88 -19.17
O2 CIT I . 21.58 6.57 -20.37
C2 CIT I . 20.25 8.47 -20.92
C3 CIT I . 18.81 8.36 -21.42
O7 CIT I . 18.40 6.97 -21.47
C4 CIT I . 18.68 8.94 -22.83
C5 CIT I . 19.24 7.97 -23.86
O3 CIT I . 20.01 7.04 -23.53
O4 CIT I . 18.94 8.11 -25.06
C6 CIT I . 17.92 9.14 -20.46
O5 CIT I . 18.34 9.53 -19.35
O6 CIT I . 16.74 9.38 -20.80
#